data_8SUO
#
_entry.id   8SUO
#
_cell.length_a   67.690
_cell.length_b   138.000
_cell.length_c   188.720
_cell.angle_alpha   90.000
_cell.angle_beta   90.000
_cell.angle_gamma   90.000
#
_symmetry.space_group_name_H-M   'P 21 21 21'
#
loop_
_entity.id
_entity.type
_entity.pdbx_description
1 polymer 'AZD1061 heavy chain'
2 polymer 'AZD1061 light chain'
3 polymer 'AZD3152 heavy chain'
4 polymer 'AZD3152 light chain'
5 polymer 'Spike protein S1'
#
loop_
_entity_poly.entity_id
_entity_poly.type
_entity_poly.pdbx_seq_one_letter_code
_entity_poly.pdbx_strand_id
1 'polypeptide(L)'
;EVQLVESGGGLVKPGGSLRLSCAASGFTFRDVWMSWVRQAPGKGLEWVGRIKSKIDGGTTDYAAPVKGRFTISRDDSKNT
LYLQMNSLKTEDTAVYYCTTAGSYYYDTVGPGLPEGKFDYWGQGTLVTVSSASTKGPSVFPLAPSSKSTSGGTAALGCLV
KDYFPEPVTVSWNSGALTSGVHTFPAVLQSSGLYSLSSVVTVPSSSLGTQTYICNVNHKPSNTKVDKRVEPKSC
;
I
2 'polypeptide(L)'
;DIVMTQSPDSLAVSLGERATINCKSSQSVLYSSNNKNYLAWYQQKPGQPPKLLMYWASTRESGVPDRFSGSGSGAEFTLT
ISSLQAEDVAIYYCQQYYSTLTFGGGTKVEIKRTVAAPSVFIFPPSDEQLKSGTASVVCLLNNFYPREAKVQWKVDNALQ
SGNSQESVTEQDSKDSTYSLSSTLTLSKADYEKHKVYACEVTHQGLSSPVTKSFNRGEC
;
M
3 'polypeptide(L)'
;EVQLVESGGGLVQPGRSLRLSCAASGFPFDDYAIHWVRLAPGKGLEWVSSISWDSGSIGYADSVKGRFTISRDNAKNSLY
LQMNSLRAEDTALYYCAKGAFPGYSSGWYYGLEVWGQGTTVTVSSASTKGPSVFPLAPSS(UNK)(UNK)(UNK)(UNK)
(UNK)GTAALGCLVKDYFPEPVTVSWNSGALTSGVHTFPAVLQSSGLYSLSSVVTVPSSSLGTQTYICNVNHKPSNTKVD
KRVEPKSC
;
H
4 'polypeptide(L)'
;QSVVTQPPSASGSLGQSVTISCTGTSSDVGGYNYVSWYQQHPGKAPKLMIFEVSKRPSGVPDRFSGSKSGNTASLTVSGL
QAEDEADYYCSSYAGNKGVFGGGTKLTVLGQPKAAPSVTLFPPSSEELQANKATLVCLISDFYPGAVTVAWKADSSPVKA
GVETTTPSKQSNNKYAASSYLSLTPEQWKSHRSYSCQVTHEGSTVEKTVAPTECS
;
L
5 'polypeptide(L)'
;TNLCPFDEVFNATRFASVYAWNRKRISNCVADYSVLYNFAPFFAFKCYGVSPTKLNDLCFTNVYADSFVIRGNEVSQIAP
GQTGNIADYNYKLPDDFTGCVIAWNSNKLDSKVGGNYNYLYRLFRKSNLKPFERDISTEIYQAGNKPCNGVAGFNCYFPL
RSYGFRPTYGVGHQPYRVVVLSFELLHAPATVCGP
;
A
#
# COMPACT_ATOMS: atom_id res chain seq x y z
N GLU A 1 7.43 10.07 31.83
CA GLU A 1 7.12 10.83 30.59
C GLU A 1 8.42 11.23 29.90
N VAL A 2 8.28 11.81 28.70
CA VAL A 2 9.38 12.44 27.97
C VAL A 2 9.09 13.94 27.87
N GLN A 3 10.14 14.76 27.81
CA GLN A 3 9.94 16.21 27.73
C GLN A 3 11.12 16.88 27.02
N LEU A 4 10.79 17.94 26.26
CA LEU A 4 11.75 18.77 25.54
C LEU A 4 11.57 20.23 25.96
N VAL A 5 12.56 20.78 26.67
CA VAL A 5 12.46 22.08 27.30
C VAL A 5 13.50 23.02 26.68
N GLU A 6 13.02 23.98 25.87
CA GLU A 6 13.87 24.99 25.25
C GLU A 6 14.06 26.16 26.22
N SER A 7 15.27 26.71 26.25
CA SER A 7 15.63 27.79 27.15
C SER A 7 16.68 28.70 26.51
N GLY A 8 16.51 30.01 26.71
CA GLY A 8 17.52 30.98 26.29
C GLY A 8 17.05 31.92 25.18
N GLY A 9 15.73 31.94 24.90
CA GLY A 9 15.17 32.91 23.98
C GLY A 9 14.92 34.25 24.67
N GLY A 10 14.75 35.31 23.87
CA GLY A 10 14.47 36.64 24.41
C GLY A 10 14.72 37.73 23.37
N LEU A 11 15.12 38.91 23.85
CA LEU A 11 15.46 40.03 22.99
C LEU A 11 16.96 40.00 22.68
N VAL A 12 17.30 40.19 21.40
CA VAL A 12 18.68 40.28 20.96
C VAL A 12 18.78 41.32 19.84
N LYS A 13 19.86 42.10 19.85
CA LYS A 13 20.00 43.24 18.95
C LYS A 13 20.22 42.71 17.53
N PRO A 14 19.77 43.44 16.47
CA PRO A 14 20.02 43.06 15.08
C PRO A 14 21.51 42.92 14.77
N GLY A 15 21.90 41.74 14.26
CA GLY A 15 23.29 41.39 14.06
C GLY A 15 23.89 40.67 15.27
N GLY A 16 23.13 40.62 16.37
CA GLY A 16 23.59 40.02 17.61
C GLY A 16 23.62 38.49 17.54
N SER A 17 24.13 37.88 18.61
CA SER A 17 24.29 36.44 18.66
C SER A 17 23.54 35.90 19.87
N LEU A 18 23.00 34.68 19.75
CA LEU A 18 22.23 34.08 20.81
C LEU A 18 22.37 32.56 20.77
N ARG A 19 22.45 31.97 21.96
CA ARG A 19 22.59 30.53 22.13
C ARG A 19 21.28 29.98 22.70
N LEU A 20 20.59 29.16 21.90
CA LEU A 20 19.43 28.42 22.37
C LEU A 20 19.90 27.07 22.93
N SER A 21 19.10 26.50 23.84
CA SER A 21 19.45 25.26 24.50
C SER A 21 18.18 24.42 24.73
N CYS A 22 18.18 23.18 24.24
CA CYS A 22 17.07 22.25 24.42
C CYS A 22 17.49 21.10 25.34
N ALA A 23 16.91 21.07 26.54
CA ALA A 23 17.15 20.00 27.51
C ALA A 23 16.12 18.89 27.30
N ALA A 24 16.59 17.71 26.86
CA ALA A 24 15.72 16.58 26.55
C ALA A 24 15.80 15.53 27.65
N SER A 25 14.70 14.79 27.84
CA SER A 25 14.62 13.75 28.85
C SER A 25 13.50 12.77 28.52
N GLY A 26 13.72 11.50 28.87
CA GLY A 26 12.68 10.48 28.78
C GLY A 26 13.00 9.41 27.74
N PHE A 27 13.65 9.80 26.64
CA PHE A 27 13.93 8.88 25.54
C PHE A 27 15.43 8.78 25.30
N THR A 28 15.82 7.77 24.51
CA THR A 28 17.20 7.56 24.12
C THR A 28 17.62 8.69 23.17
N PHE A 29 18.24 9.74 23.75
CA PHE A 29 18.46 11.00 23.05
C PHE A 29 19.43 10.83 21.88
N ARG A 30 20.53 10.11 22.14
CA ARG A 30 21.69 10.09 21.25
C ARG A 30 21.40 9.36 19.94
N ASP A 31 20.24 8.70 19.84
CA ASP A 31 19.91 7.86 18.70
C ASP A 31 18.97 8.59 17.74
N VAL A 32 18.61 9.84 18.06
CA VAL A 32 17.52 10.53 17.39
C VAL A 32 18.07 11.71 16.59
N TRP A 33 17.44 12.00 15.44
CA TRP A 33 17.83 13.10 14.58
C TRP A 33 17.10 14.38 14.98
N MET A 34 17.71 15.15 15.88
CA MET A 34 17.08 16.31 16.50
C MET A 34 17.08 17.47 15.50
N SER A 35 16.04 18.31 15.58
CA SER A 35 15.84 19.41 14.65
C SER A 35 15.32 20.64 15.39
N TRP A 36 15.53 21.82 14.79
CA TRP A 36 14.93 23.06 15.22
C TRP A 36 13.90 23.50 14.17
N VAL A 37 12.70 23.86 14.62
CA VAL A 37 11.68 24.41 13.75
C VAL A 37 11.15 25.69 14.40
N ARG A 38 11.05 26.76 13.60
CA ARG A 38 10.69 28.08 14.10
C ARG A 38 9.34 28.49 13.56
N GLN A 39 8.78 29.55 14.14
CA GLN A 39 7.47 30.06 13.73
C GLN A 39 7.34 31.53 14.10
N ALA A 40 7.29 32.40 13.07
CA ALA A 40 7.05 33.81 13.25
C ALA A 40 5.58 34.02 13.61
N PRO A 41 5.22 35.13 14.30
CA PRO A 41 3.84 35.36 14.73
C PRO A 41 2.88 35.37 13.54
N GLY A 42 1.91 34.44 13.56
CA GLY A 42 0.91 34.35 12.52
C GLY A 42 1.38 33.51 11.33
N LYS A 43 2.70 33.46 11.12
CA LYS A 43 3.28 32.72 10.01
C LYS A 43 3.40 31.24 10.37
N GLY A 44 3.63 30.42 9.34
CA GLY A 44 3.61 28.98 9.47
C GLY A 44 4.93 28.44 10.02
N LEU A 45 4.99 27.12 10.16
CA LEU A 45 6.19 26.43 10.61
C LEU A 45 7.24 26.50 9.51
N GLU A 46 8.50 26.64 9.91
CA GLU A 46 9.63 26.60 8.99
C GLU A 46 10.77 25.84 9.66
N TRP A 47 11.23 24.78 8.99
CA TRP A 47 12.35 24.00 9.47
C TRP A 47 13.61 24.85 9.40
N VAL A 48 14.45 24.73 10.45
CA VAL A 48 15.66 25.51 10.57
C VAL A 48 16.85 24.61 10.26
N GLY A 49 17.01 23.54 11.04
CA GLY A 49 18.11 22.62 10.85
C GLY A 49 17.90 21.28 11.54
N ARG A 50 18.90 20.41 11.40
CA ARG A 50 18.83 19.03 11.86
C ARG A 50 20.25 18.58 12.21
N ILE A 51 20.35 17.80 13.29
CA ILE A 51 21.58 17.07 13.60
C ILE A 51 21.22 15.60 13.68
N LYS A 52 21.99 14.76 12.97
CA LYS A 52 21.75 13.33 12.95
C LYS A 52 22.48 12.71 14.14
N SER A 53 22.17 11.44 14.43
CA SER A 53 22.79 10.72 15.54
C SER A 53 24.27 10.51 15.23
N LYS A 54 25.11 10.63 16.25
CA LYS A 54 26.54 10.68 16.04
C LYS A 54 27.03 9.34 15.49
N ILE A 55 26.24 8.29 15.69
CA ILE A 55 26.52 6.99 15.10
C ILE A 55 26.16 6.99 13.61
N ASP A 56 25.22 7.86 13.21
CA ASP A 56 24.82 8.02 11.82
C ASP A 56 25.60 9.15 11.16
N GLY A 57 26.72 9.57 11.77
CA GLY A 57 27.60 10.58 11.22
C GLY A 57 27.64 11.85 12.08
N GLY A 58 26.46 12.40 12.36
CA GLY A 58 26.34 13.70 13.00
C GLY A 58 26.32 14.83 11.98
N THR A 59 25.74 14.56 10.81
CA THR A 59 25.63 15.56 9.76
C THR A 59 24.63 16.63 10.16
N THR A 60 24.94 17.88 9.80
CA THR A 60 24.03 18.99 10.00
C THR A 60 23.48 19.43 8.66
N ASP A 61 22.20 19.81 8.63
CA ASP A 61 21.59 20.41 7.47
C ASP A 61 20.85 21.67 7.94
N TYR A 62 20.93 22.74 7.15
CA TYR A 62 20.28 24.00 7.47
C TYR A 62 19.41 24.42 6.30
N ALA A 63 18.37 25.22 6.58
CA ALA A 63 17.48 25.73 5.55
C ALA A 63 18.17 26.84 4.78
N ALA A 64 17.55 27.26 3.67
CA ALA A 64 18.13 28.23 2.76
C ALA A 64 18.33 29.59 3.45
N PRO A 65 17.35 30.11 4.21
CA PRO A 65 17.49 31.42 4.84
C PRO A 65 18.49 31.53 5.98
N VAL A 66 18.77 30.40 6.66
CA VAL A 66 19.64 30.38 7.82
C VAL A 66 20.98 29.75 7.47
N LYS A 67 21.18 29.49 6.17
CA LYS A 67 22.33 28.80 5.63
C LYS A 67 23.61 29.56 6.04
N GLY A 68 24.38 28.96 6.96
CA GLY A 68 25.70 29.45 7.32
C GLY A 68 25.66 30.67 8.25
N ARG A 69 24.51 30.90 8.90
CA ARG A 69 24.40 31.91 9.94
C ARG A 69 24.11 31.27 11.29
N PHE A 70 23.67 30.00 11.26
CA PHE A 70 23.34 29.24 12.45
C PHE A 70 24.27 28.04 12.55
N THR A 71 24.45 27.52 13.77
CA THR A 71 25.32 26.37 13.98
C THR A 71 24.72 25.47 15.06
N ILE A 72 24.36 24.24 14.66
CA ILE A 72 23.75 23.27 15.54
C ILE A 72 24.84 22.49 16.27
N SER A 73 24.57 22.15 17.53
CA SER A 73 25.50 21.42 18.37
C SER A 73 24.76 20.26 19.04
N ARG A 74 25.48 19.47 19.84
CA ARG A 74 24.90 18.30 20.47
C ARG A 74 25.78 17.88 21.65
N ASP A 75 25.14 17.39 22.73
CA ASP A 75 25.84 16.83 23.86
C ASP A 75 25.05 15.63 24.38
N ASP A 76 25.47 14.42 23.95
CA ASP A 76 24.73 13.20 24.21
C ASP A 76 24.90 12.75 25.66
N SER A 77 25.99 13.17 26.30
CA SER A 77 26.22 12.83 27.71
C SER A 77 25.31 13.66 28.61
N LYS A 78 24.94 14.86 28.15
CA LYS A 78 24.10 15.77 28.90
C LYS A 78 22.67 15.79 28.34
N ASN A 79 22.44 15.10 27.22
CA ASN A 79 21.12 15.03 26.59
C ASN A 79 20.59 16.43 26.34
N THR A 80 21.38 17.25 25.64
CA THR A 80 21.00 18.63 25.37
C THR A 80 21.38 19.00 23.94
N LEU A 81 20.49 19.76 23.29
CA LEU A 81 20.69 20.26 21.94
C LEU A 81 20.89 21.77 22.02
N TYR A 82 21.72 22.31 21.12
CA TYR A 82 22.00 23.74 21.09
C TYR A 82 21.76 24.28 19.68
N LEU A 83 21.35 25.56 19.59
CA LEU A 83 21.36 26.28 18.33
C LEU A 83 22.11 27.60 18.52
N GLN A 84 23.26 27.72 17.86
CA GLN A 84 24.06 28.93 17.86
C GLN A 84 23.57 29.81 16.71
N MET A 85 23.18 31.05 17.05
CA MET A 85 22.58 31.97 16.10
C MET A 85 23.45 33.22 16.01
N ASN A 86 23.82 33.61 14.78
CA ASN A 86 24.73 34.73 14.56
C ASN A 86 24.24 35.55 13.37
N SER A 87 24.60 36.84 13.35
CA SER A 87 24.15 37.77 12.33
C SER A 87 22.63 37.74 12.19
N LEU A 88 21.95 37.77 13.35
CA LEU A 88 20.50 37.67 13.43
C LEU A 88 19.85 38.85 12.73
N LYS A 89 18.61 38.64 12.26
CA LYS A 89 17.86 39.65 11.52
C LYS A 89 16.46 39.76 12.12
N THR A 90 15.72 40.79 11.68
CA THR A 90 14.35 40.99 12.12
C THR A 90 13.45 39.90 11.53
N GLU A 91 13.91 39.26 10.46
CA GLU A 91 13.23 38.12 9.85
C GLU A 91 13.24 36.91 10.78
N ASP A 92 14.26 36.83 11.66
CA ASP A 92 14.50 35.66 12.48
C ASP A 92 13.64 35.68 13.75
N THR A 93 12.94 36.79 14.01
CA THR A 93 12.04 36.88 15.15
C THR A 93 10.97 35.81 15.04
N ALA A 94 10.99 34.84 15.96
CA ALA A 94 10.08 33.72 15.92
C ALA A 94 10.24 32.85 17.16
N VAL A 95 9.31 31.92 17.36
CA VAL A 95 9.37 30.95 18.44
C VAL A 95 10.05 29.69 17.91
N TYR A 96 11.11 29.26 18.60
CA TYR A 96 11.94 28.16 18.13
C TYR A 96 11.64 26.91 18.94
N TYR A 97 11.11 25.88 18.25
CA TYR A 97 10.87 24.57 18.81
C TYR A 97 12.02 23.63 18.47
N CYS A 98 12.47 22.86 19.46
CA CYS A 98 13.28 21.68 19.20
C CYS A 98 12.36 20.47 19.17
N THR A 99 12.65 19.53 18.27
CA THR A 99 11.71 18.45 17.97
C THR A 99 12.48 17.20 17.54
N THR A 100 11.80 16.05 17.66
CA THR A 100 12.32 14.78 17.17
C THR A 100 11.71 14.48 15.80
N ALA A 101 11.07 15.48 15.20
CA ALA A 101 10.41 15.32 13.91
C ALA A 101 11.46 15.03 12.82
N GLY A 102 11.08 14.12 11.92
CA GLY A 102 11.93 13.76 10.78
C GLY A 102 12.96 12.70 11.14
N SER A 103 12.88 12.17 12.37
CA SER A 103 13.89 11.25 12.86
C SER A 103 13.50 9.81 12.58
N TYR A 104 12.27 9.43 12.97
CA TYR A 104 11.89 8.04 13.15
C TYR A 104 11.86 7.30 11.83
N TYR A 105 11.86 8.06 10.74
CA TYR A 105 11.80 7.51 9.39
C TYR A 105 13.18 7.05 8.95
N TYR A 106 14.22 7.53 9.64
CA TYR A 106 15.60 7.28 9.28
C TYR A 106 16.39 6.72 10.46
N ASP A 107 16.02 7.14 11.69
CA ASP A 107 16.82 6.88 12.87
C ASP A 107 16.87 5.38 13.14
N THR A 108 17.68 4.98 14.14
CA THR A 108 17.98 3.59 14.39
C THR A 108 17.20 3.06 15.59
N VAL A 109 16.26 3.85 16.12
CA VAL A 109 15.51 3.44 17.30
C VAL A 109 14.38 2.50 16.88
N GLY A 110 14.05 1.55 17.76
CA GLY A 110 13.18 0.44 17.44
C GLY A 110 11.73 0.69 17.86
N PRO A 111 11.03 -0.35 18.39
CA PRO A 111 9.60 -0.25 18.68
C PRO A 111 9.24 0.22 20.09
N GLY A 112 10.23 0.22 21.00
CA GLY A 112 9.99 0.55 22.40
C GLY A 112 9.84 2.06 22.61
N LEU A 113 8.75 2.62 22.07
CA LEU A 113 8.51 4.06 22.17
C LEU A 113 8.05 4.40 23.59
N PRO A 114 8.49 5.54 24.15
CA PRO A 114 8.24 5.88 25.56
C PRO A 114 6.77 5.82 25.95
N GLU A 115 5.92 6.52 25.19
CA GLU A 115 4.50 6.62 25.48
C GLU A 115 3.72 6.12 24.26
N GLY A 116 4.37 5.25 23.47
CA GLY A 116 3.74 4.67 22.30
C GLY A 116 3.78 5.59 21.08
N LYS A 117 4.60 6.65 21.14
CA LYS A 117 4.80 7.52 19.99
C LYS A 117 6.24 8.03 19.99
N PHE A 118 6.59 8.79 18.94
CA PHE A 118 7.96 9.13 18.64
C PHE A 118 8.12 10.62 18.34
N ASP A 119 7.15 11.19 17.63
CA ASP A 119 7.16 12.60 17.25
C ASP A 119 6.82 13.44 18.48
N TYR A 120 7.83 14.16 19.01
CA TYR A 120 7.68 15.01 20.19
C TYR A 120 8.19 16.41 19.88
N TRP A 121 7.47 17.41 20.43
CA TRP A 121 7.84 18.81 20.27
C TRP A 121 7.87 19.49 21.63
N GLY A 122 8.75 20.50 21.77
CA GLY A 122 8.80 21.31 22.98
C GLY A 122 7.89 22.52 22.89
N GLN A 123 7.83 23.30 23.97
CA GLN A 123 6.98 24.48 24.02
C GLN A 123 7.60 25.60 23.19
N GLY A 124 8.94 25.66 23.19
CA GLY A 124 9.69 26.53 22.30
C GLY A 124 9.80 27.95 22.85
N THR A 125 11.03 28.50 22.84
CA THR A 125 11.28 29.83 23.36
C THR A 125 11.20 30.85 22.22
N LEU A 126 10.82 32.08 22.58
CA LEU A 126 10.60 33.15 21.62
C LEU A 126 11.87 33.98 21.49
N VAL A 127 12.36 34.09 20.26
CA VAL A 127 13.51 34.91 19.93
C VAL A 127 13.03 36.18 19.24
N THR A 128 13.13 37.32 19.94
CA THR A 128 12.83 38.62 19.40
C THR A 128 14.12 39.33 19.03
N VAL A 129 14.28 39.64 17.74
CA VAL A 129 15.45 40.35 17.26
C VAL A 129 15.04 41.79 16.96
N SER A 130 15.17 42.65 17.97
CA SER A 130 14.84 44.07 17.84
C SER A 130 15.94 44.92 18.49
N SER A 131 16.10 46.15 17.97
CA SER A 131 17.05 47.10 18.53
C SER A 131 16.40 47.93 19.62
N ALA A 132 15.18 47.52 20.03
CA ALA A 132 14.41 48.23 21.04
C ALA A 132 14.92 47.88 22.43
N SER A 133 14.26 48.44 23.45
CA SER A 133 14.60 48.16 24.85
C SER A 133 13.49 47.34 25.51
N THR A 134 13.87 46.62 26.56
CA THR A 134 12.94 45.85 27.37
C THR A 134 12.03 46.82 28.12
N LYS A 135 10.88 46.31 28.59
CA LYS A 135 10.03 47.07 29.49
C LYS A 135 9.11 46.12 30.27
N GLY A 136 9.03 46.34 31.58
CA GLY A 136 8.14 45.57 32.44
C GLY A 136 6.68 45.99 32.24
N PRO A 137 5.71 45.06 32.46
CA PRO A 137 4.30 45.35 32.26
C PRO A 137 3.65 46.00 33.47
N SER A 138 2.60 46.81 33.22
CA SER A 138 1.76 47.35 34.27
C SER A 138 0.54 46.46 34.43
N VAL A 139 0.15 46.20 35.68
CA VAL A 139 -0.98 45.33 35.95
C VAL A 139 -2.08 46.16 36.62
N PHE A 140 -3.24 46.19 35.95
CA PHE A 140 -4.41 46.95 36.37
C PHE A 140 -5.62 46.03 36.41
N PRO A 141 -6.49 46.11 37.45
CA PRO A 141 -7.67 45.27 37.54
C PRO A 141 -8.78 45.65 36.55
N LEU A 142 -9.44 44.63 35.99
CA LEU A 142 -10.68 44.78 35.25
C LEU A 142 -11.82 44.30 36.16
N ALA A 143 -12.32 45.22 36.99
CA ALA A 143 -13.13 44.88 38.16
C ALA A 143 -14.55 44.49 37.76
N PRO A 144 -15.21 43.60 38.55
CA PRO A 144 -16.62 43.26 38.31
C PRO A 144 -17.54 44.31 38.94
N SER A 145 -18.79 44.37 38.46
CA SER A 145 -19.77 45.32 38.94
C SER A 145 -21.06 44.60 39.37
N GLY A 152 -26.63 36.43 38.63
CA GLY A 152 -26.20 35.68 37.43
C GLY A 152 -24.70 35.44 37.42
N THR A 153 -24.08 35.61 36.25
CA THR A 153 -22.62 35.50 36.13
C THR A 153 -22.06 36.82 35.61
N ALA A 154 -21.21 37.44 36.44
CA ALA A 154 -20.52 38.66 36.10
C ALA A 154 -19.22 38.32 35.38
N ALA A 155 -18.36 39.32 35.21
CA ALA A 155 -17.03 39.11 34.63
C ALA A 155 -16.03 40.07 35.26
N LEU A 156 -14.77 39.64 35.25
CA LEU A 156 -13.66 40.42 35.74
C LEU A 156 -12.38 39.86 35.13
N GLY A 157 -11.36 40.72 35.04
CA GLY A 157 -10.10 40.38 34.41
C GLY A 157 -8.93 41.19 34.97
N CYS A 158 -7.77 41.07 34.31
CA CYS A 158 -6.60 41.88 34.59
C CYS A 158 -6.11 42.50 33.29
N LEU A 159 -5.84 43.81 33.34
CA LEU A 159 -5.25 44.51 32.21
C LEU A 159 -3.75 44.63 32.43
N VAL A 160 -2.99 43.76 31.75
CA VAL A 160 -1.56 43.93 31.57
C VAL A 160 -1.36 45.00 30.52
N LYS A 161 -0.47 45.96 30.79
CA LYS A 161 -0.36 47.14 29.94
C LYS A 161 1.08 47.61 29.87
N ASP A 162 1.54 47.88 28.64
CA ASP A 162 2.83 48.50 28.39
C ASP A 162 3.97 47.60 28.85
N TYR A 163 4.58 46.88 27.90
CA TYR A 163 5.70 46.00 28.19
C TYR A 163 6.36 45.58 26.87
N PHE A 164 7.63 45.17 26.96
CA PHE A 164 8.38 44.68 25.81
C PHE A 164 9.41 43.66 26.26
N PRO A 165 9.66 42.56 25.51
CA PRO A 165 8.83 42.15 24.36
C PRO A 165 7.61 41.34 24.81
N GLU A 166 6.84 40.84 23.83
CA GLU A 166 5.68 40.00 24.13
C GLU A 166 6.20 38.60 24.47
N PRO A 167 5.39 37.70 25.07
CA PRO A 167 4.21 38.05 25.84
C PRO A 167 4.42 37.86 27.33
N VAL A 168 3.32 37.92 28.09
CA VAL A 168 3.33 37.77 29.54
C VAL A 168 2.49 36.56 29.93
N THR A 169 2.97 35.83 30.96
CA THR A 169 2.30 34.66 31.48
C THR A 169 1.27 35.05 32.52
N VAL A 170 -0.03 34.96 32.17
CA VAL A 170 -1.11 35.33 33.08
C VAL A 170 -1.81 34.07 33.57
N SER A 171 -1.66 33.78 34.88
CA SER A 171 -2.26 32.63 35.52
C SER A 171 -3.30 33.09 36.54
N TRP A 172 -4.58 32.77 36.29
CA TRP A 172 -5.66 33.21 37.16
C TRP A 172 -5.75 32.33 38.41
N ASN A 173 -5.48 32.94 39.57
CA ASN A 173 -5.54 32.28 40.86
C ASN A 173 -4.66 31.03 40.84
N SER A 174 -3.35 31.25 40.62
CA SER A 174 -2.38 30.17 40.46
C SER A 174 -2.79 29.28 39.28
N GLY A 175 -3.45 29.90 38.28
CA GLY A 175 -3.97 29.18 37.13
C GLY A 175 -5.16 28.26 37.44
N ALA A 176 -5.55 28.14 38.72
CA ALA A 176 -6.64 27.27 39.12
C ALA A 176 -7.95 27.77 38.52
N LEU A 177 -8.19 29.07 38.66
CA LEU A 177 -9.36 29.72 38.08
C LEU A 177 -9.30 29.60 36.54
N THR A 178 -10.36 29.03 35.95
CA THR A 178 -10.48 28.84 34.51
C THR A 178 -11.93 29.01 34.06
N SER A 179 -12.68 29.85 34.78
CA SER A 179 -14.11 30.04 34.58
C SER A 179 -14.36 30.59 33.18
N GLY A 180 -13.69 31.71 32.86
CA GLY A 180 -13.79 32.34 31.56
C GLY A 180 -12.49 33.01 31.12
N VAL A 181 -11.36 32.47 31.60
CA VAL A 181 -10.06 33.09 31.41
C VAL A 181 -9.85 33.37 29.93
N HIS A 182 -9.64 34.66 29.59
CA HIS A 182 -9.40 35.10 28.22
C HIS A 182 -8.17 36.00 28.15
N THR A 183 -7.01 35.36 28.20
CA THR A 183 -5.75 36.03 27.95
C THR A 183 -5.68 36.31 26.45
N PHE A 184 -6.39 37.36 26.01
CA PHE A 184 -6.28 37.90 24.66
C PHE A 184 -4.83 38.30 24.42
N PRO A 185 -4.23 38.08 23.22
CA PRO A 185 -2.84 38.51 22.98
C PRO A 185 -2.65 40.01 23.11
N ALA A 186 -1.53 40.43 23.75
CA ALA A 186 -1.31 41.85 24.02
C ALA A 186 -1.13 42.60 22.71
N VAL A 187 -1.86 43.71 22.59
CA VAL A 187 -1.81 44.54 21.39
C VAL A 187 -0.48 45.28 21.38
N LEU A 188 0.14 45.36 20.20
CA LEU A 188 1.34 46.18 20.04
C LEU A 188 0.95 47.65 20.13
N GLN A 189 1.57 48.37 21.06
CA GLN A 189 1.31 49.78 21.24
C GLN A 189 2.18 50.58 20.27
N SER A 190 1.80 51.85 20.05
CA SER A 190 2.53 52.74 19.16
C SER A 190 4.00 52.83 19.55
N SER A 191 4.30 52.69 20.85
CA SER A 191 5.65 52.77 21.36
C SER A 191 6.31 51.39 21.44
N GLY A 192 5.70 50.37 20.83
CA GLY A 192 6.27 49.04 20.79
C GLY A 192 5.92 48.22 22.04
N LEU A 193 5.07 48.78 22.90
CA LEU A 193 4.72 48.15 24.15
C LEU A 193 3.58 47.16 23.91
N TYR A 194 3.07 46.54 24.98
CA TYR A 194 2.11 45.45 24.86
C TYR A 194 1.09 45.53 25.99
N SER A 195 -0.18 45.43 25.60
CA SER A 195 -1.27 45.51 26.56
C SER A 195 -2.32 44.46 26.19
N LEU A 196 -2.61 43.58 27.16
CA LEU A 196 -3.70 42.62 27.00
C LEU A 196 -4.66 42.73 28.17
N SER A 197 -5.82 42.10 28.00
CA SER A 197 -6.88 42.10 28.99
C SER A 197 -7.29 40.65 29.25
N SER A 198 -6.70 40.04 30.29
CA SER A 198 -7.01 38.66 30.61
C SER A 198 -8.27 38.61 31.50
N VAL A 199 -9.44 38.60 30.85
CA VAL A 199 -10.72 38.62 31.54
C VAL A 199 -11.21 37.19 31.72
N VAL A 200 -11.72 36.93 32.94
CA VAL A 200 -12.17 35.61 33.35
C VAL A 200 -13.59 35.75 33.89
N THR A 201 -14.60 35.48 33.04
CA THR A 201 -15.99 35.62 33.46
C THR A 201 -16.31 34.59 34.54
N VAL A 202 -16.82 35.09 35.68
CA VAL A 202 -17.19 34.29 36.83
C VAL A 202 -18.57 34.71 37.31
N PRO A 203 -19.36 33.82 37.94
CA PRO A 203 -20.71 34.16 38.40
C PRO A 203 -20.76 35.29 39.44
N SER A 204 -21.95 35.87 39.62
CA SER A 204 -22.15 36.94 40.58
C SER A 204 -21.88 36.42 41.99
N SER A 205 -22.89 35.80 42.62
CA SER A 205 -22.75 35.19 43.93
C SER A 205 -21.29 34.97 44.32
N SER A 206 -20.55 34.26 43.45
CA SER A 206 -19.18 33.85 43.72
C SER A 206 -18.29 35.03 44.12
N LEU A 207 -18.61 36.23 43.61
CA LEU A 207 -17.84 37.44 43.88
C LEU A 207 -17.62 37.63 45.37
N GLY A 208 -18.61 37.26 46.19
CA GLY A 208 -18.48 37.31 47.64
C GLY A 208 -17.17 36.66 48.13
N THR A 209 -16.84 35.50 47.57
CA THR A 209 -15.65 34.74 47.91
C THR A 209 -14.75 34.62 46.68
N GLN A 210 -14.03 33.49 46.55
CA GLN A 210 -13.26 33.14 45.37
C GLN A 210 -12.32 34.29 45.00
N THR A 211 -11.31 34.49 45.84
CA THR A 211 -10.31 35.52 45.63
C THR A 211 -9.70 35.39 44.23
N TYR A 212 -9.81 36.46 43.44
CA TYR A 212 -9.36 36.48 42.06
C TYR A 212 -8.02 37.20 41.95
N ILE A 213 -6.93 36.43 41.96
CA ILE A 213 -5.58 36.98 41.90
C ILE A 213 -4.87 36.41 40.67
N CYS A 214 -4.97 37.12 39.55
CA CYS A 214 -4.23 36.75 38.34
C CYS A 214 -2.72 36.89 38.59
N ASN A 215 -1.94 35.94 38.03
CA ASN A 215 -0.50 35.93 38.22
C ASN A 215 0.17 36.22 36.89
N VAL A 216 0.61 37.48 36.72
CA VAL A 216 1.27 37.90 35.49
C VAL A 216 2.78 37.76 35.69
N ASN A 217 3.44 37.02 34.77
CA ASN A 217 4.88 36.90 34.78
C ASN A 217 5.44 37.34 33.42
N HIS A 218 6.49 38.16 33.46
CA HIS A 218 7.16 38.65 32.26
C HIS A 218 8.67 38.57 32.48
N LYS A 219 9.30 37.46 32.08
CA LYS A 219 10.64 37.13 32.52
C LYS A 219 11.72 37.93 31.76
N PRO A 220 11.47 38.47 30.55
CA PRO A 220 12.44 39.41 29.94
C PRO A 220 12.85 40.52 30.91
N SER A 221 11.85 41.16 31.53
CA SER A 221 12.09 42.21 32.52
C SER A 221 12.15 41.61 33.93
N ASN A 222 11.71 40.35 34.06
CA ASN A 222 11.67 39.64 35.33
C ASN A 222 10.67 40.33 36.26
N THR A 223 9.45 40.51 35.76
CA THR A 223 8.35 41.08 36.53
C THR A 223 7.41 39.95 36.92
N LYS A 224 7.20 39.76 38.23
CA LYS A 224 6.18 38.85 38.75
C LYS A 224 5.17 39.64 39.57
N VAL A 225 3.89 39.57 39.14
CA VAL A 225 2.82 40.37 39.74
C VAL A 225 1.64 39.45 40.05
N ASP A 226 1.14 39.56 41.29
CA ASP A 226 -0.10 38.92 41.68
C ASP A 226 -1.10 40.02 42.05
N LYS A 227 -2.06 40.27 41.16
CA LYS A 227 -3.04 41.33 41.32
C LYS A 227 -4.38 40.72 41.71
N ARG A 228 -4.94 41.19 42.84
CA ARG A 228 -6.23 40.73 43.32
C ARG A 228 -7.31 41.70 42.82
N VAL A 229 -8.36 41.13 42.22
CA VAL A 229 -9.39 41.90 41.55
C VAL A 229 -10.63 41.90 42.43
N GLU A 230 -11.03 43.09 42.89
CA GLU A 230 -12.11 43.26 43.86
C GLU A 230 -13.21 44.13 43.27
N PRO A 231 -14.51 43.78 43.47
CA PRO A 231 -15.62 44.64 43.03
C PRO A 231 -15.56 45.99 43.74
N LYS A 232 -15.82 47.05 42.97
CA LYS A 232 -15.66 48.42 43.46
C LYS A 232 -16.88 48.82 44.30
N SER A 233 -16.66 49.70 45.29
CA SER A 233 -17.74 50.34 46.03
C SER A 233 -17.99 51.74 45.48
N CYS A 234 -19.16 51.93 44.85
CA CYS A 234 -19.55 53.21 44.28
C CYS A 234 -21.03 53.45 44.58
N ASP B 1 14.60 23.32 -2.22
CA ASP B 1 14.16 22.00 -1.71
C ASP B 1 12.78 21.70 -2.30
N ILE B 2 11.86 21.16 -1.49
CA ILE B 2 10.52 20.85 -1.99
C ILE B 2 9.54 21.90 -1.48
N VAL B 3 8.77 22.49 -2.40
CA VAL B 3 7.85 23.58 -2.08
C VAL B 3 6.49 22.98 -1.75
N MET B 4 6.32 22.61 -0.48
CA MET B 4 5.04 22.13 0.01
C MET B 4 4.01 23.25 -0.15
N THR B 5 2.87 22.92 -0.77
CA THR B 5 1.77 23.86 -1.00
C THR B 5 0.48 23.27 -0.41
N GLN B 6 -0.38 24.14 0.11
CA GLN B 6 -1.66 23.71 0.68
C GLN B 6 -2.79 24.53 0.05
N SER B 7 -3.98 23.93 -0.04
CA SER B 7 -5.18 24.62 -0.47
C SER B 7 -6.41 23.90 0.06
N PRO B 8 -7.42 24.62 0.62
CA PRO B 8 -7.39 26.08 0.77
C PRO B 8 -6.62 26.54 2.00
N ASP B 9 -6.46 27.86 2.12
CA ASP B 9 -5.76 28.47 3.25
C ASP B 9 -6.71 28.49 4.46
N SER B 10 -7.95 28.93 4.23
CA SER B 10 -8.96 28.95 5.26
C SER B 10 -10.06 27.96 4.93
N LEU B 11 -10.74 27.44 5.97
CA LEU B 11 -11.80 26.47 5.79
C LEU B 11 -12.77 26.54 6.96
N ALA B 12 -14.07 26.45 6.66
CA ALA B 12 -15.11 26.48 7.67
C ALA B 12 -16.30 25.64 7.23
N VAL B 13 -16.66 24.63 8.05
CA VAL B 13 -17.80 23.78 7.79
C VAL B 13 -18.57 23.57 9.10
N SER B 14 -19.80 23.08 8.98
CA SER B 14 -20.65 22.84 10.13
C SER B 14 -20.15 21.63 10.91
N LEU B 15 -20.71 21.43 12.11
CA LEU B 15 -20.35 20.30 12.95
C LEU B 15 -20.79 19.01 12.26
N GLY B 16 -19.87 18.05 12.16
CA GLY B 16 -20.17 16.74 11.60
C GLY B 16 -20.16 16.72 10.07
N GLU B 17 -19.61 17.78 9.44
CA GLU B 17 -19.54 17.86 7.98
C GLU B 17 -18.16 17.41 7.50
N ARG B 18 -18.01 17.31 6.18
CA ARG B 18 -16.81 16.80 5.56
C ARG B 18 -15.77 17.91 5.44
N ALA B 19 -14.64 17.74 6.14
CA ALA B 19 -13.56 18.71 6.13
C ALA B 19 -12.39 18.15 5.32
N THR B 20 -11.95 18.93 4.33
CA THR B 20 -11.11 18.44 3.26
C THR B 20 -9.92 19.37 3.06
N ILE B 21 -8.70 18.82 3.18
CA ILE B 21 -7.47 19.58 3.02
C ILE B 21 -6.64 18.91 1.94
N ASN B 22 -5.69 19.65 1.34
CA ASN B 22 -4.88 19.14 0.25
C ASN B 22 -3.43 19.58 0.41
N CYS B 23 -2.56 18.96 -0.40
CA CYS B 23 -1.12 19.24 -0.39
C CYS B 23 -0.55 19.01 -1.78
N LYS B 24 0.38 19.89 -2.19
CA LYS B 24 1.02 19.80 -3.50
C LYS B 24 2.53 19.96 -3.30
N SER B 25 3.32 19.04 -3.87
CA SER B 25 4.76 19.05 -3.72
C SER B 25 5.43 19.37 -5.05
N SER B 26 6.53 20.14 -5.00
CA SER B 26 7.28 20.51 -6.19
C SER B 26 8.04 19.29 -6.73
N GLN B 27 8.23 18.27 -5.88
CA GLN B 27 8.83 17.01 -6.27
C GLN B 27 7.93 15.86 -5.85
N SER B 28 8.36 14.64 -6.15
CA SER B 28 7.70 13.45 -5.65
C SER B 28 8.37 13.00 -4.35
N VAL B 29 7.55 12.73 -3.33
CA VAL B 29 8.06 12.22 -2.06
C VAL B 29 7.83 10.69 -2.01
N LEU B 30 7.44 10.10 -3.14
CA LEU B 30 7.33 8.66 -3.25
C LEU B 30 8.71 8.07 -3.52
N TYR B 31 9.26 7.38 -2.52
CA TYR B 31 10.58 6.77 -2.62
C TYR B 31 10.43 5.36 -3.18
N SER B 32 11.08 5.10 -4.32
CA SER B 32 10.90 3.86 -5.06
C SER B 32 11.50 2.66 -4.31
N SER B 33 12.48 2.93 -3.44
CA SER B 33 13.27 1.88 -2.80
C SER B 33 12.46 1.08 -1.79
N ASN B 34 11.34 1.65 -1.29
CA ASN B 34 10.46 0.95 -0.37
C ASN B 34 8.99 1.14 -0.75
N ASN B 35 8.70 2.06 -1.67
CA ASN B 35 7.35 2.35 -2.14
C ASN B 35 6.53 3.00 -1.02
N LYS B 36 7.16 3.91 -0.27
CA LYS B 36 6.50 4.65 0.79
C LYS B 36 6.53 6.14 0.46
N ASN B 37 5.44 6.84 0.82
CA ASN B 37 5.42 8.30 0.75
C ASN B 37 5.99 8.87 2.05
N TYR B 38 6.91 9.83 1.90
CA TYR B 38 7.61 10.44 3.01
C TYR B 38 6.91 11.75 3.38
N LEU B 39 5.67 11.65 3.84
CA LEU B 39 4.82 12.80 4.07
C LEU B 39 4.05 12.61 5.37
N ALA B 40 3.74 13.73 6.03
CA ALA B 40 3.06 13.72 7.31
C ALA B 40 2.01 14.83 7.36
N TRP B 41 1.15 14.76 8.39
CA TRP B 41 0.18 15.79 8.67
C TRP B 41 0.30 16.18 10.15
N TYR B 42 0.18 17.49 10.42
CA TYR B 42 0.39 18.04 11.74
C TYR B 42 -0.78 18.95 12.12
N GLN B 43 -1.32 18.73 13.33
CA GLN B 43 -2.37 19.56 13.90
C GLN B 43 -1.73 20.51 14.91
N GLN B 44 -2.09 21.80 14.82
CA GLN B 44 -1.58 22.78 15.77
C GLN B 44 -2.71 23.70 16.21
N LYS B 45 -3.07 23.58 17.50
CA LYS B 45 -3.99 24.50 18.15
C LYS B 45 -3.21 25.70 18.67
N PRO B 46 -3.74 26.95 18.55
CA PRO B 46 -2.99 28.15 18.93
C PRO B 46 -2.35 28.07 20.32
N GLY B 47 -1.10 28.53 20.41
CA GLY B 47 -0.39 28.59 21.69
C GLY B 47 0.27 27.27 22.07
N GLN B 48 0.02 26.22 21.28
CA GLN B 48 0.55 24.89 21.56
C GLN B 48 1.55 24.48 20.48
N PRO B 49 2.36 23.43 20.73
CA PRO B 49 3.16 22.81 19.67
C PRO B 49 2.27 22.09 18.65
N PRO B 50 2.79 21.76 17.45
CA PRO B 50 2.11 20.83 16.55
C PRO B 50 2.00 19.42 17.14
N LYS B 51 0.93 18.72 16.78
CA LYS B 51 0.74 17.32 17.12
C LYS B 51 0.69 16.51 15.83
N LEU B 52 1.41 15.39 15.80
CA LEU B 52 1.43 14.52 14.63
C LEU B 52 0.07 13.81 14.54
N LEU B 53 -0.55 13.89 13.36
CA LEU B 53 -1.73 13.11 13.03
C LEU B 53 -1.33 11.88 12.23
N MET B 54 -0.69 12.16 11.08
CA MET B 54 -0.50 11.21 10.01
C MET B 54 0.97 11.18 9.60
N TYR B 55 1.47 9.97 9.32
CA TYR B 55 2.79 9.78 8.74
C TYR B 55 2.71 8.61 7.76
N TRP B 56 3.72 8.50 6.89
CA TRP B 56 3.67 7.64 5.73
C TRP B 56 2.44 7.97 4.90
N ALA B 57 1.89 9.18 5.09
CA ALA B 57 0.77 9.73 4.34
C ALA B 57 -0.57 9.10 4.71
N SER B 58 -0.55 7.97 5.44
CA SER B 58 -1.75 7.20 5.72
C SER B 58 -1.87 6.86 7.20
N THR B 59 -0.74 6.49 7.82
CA THR B 59 -0.71 5.89 9.14
C THR B 59 -0.99 6.92 10.21
N ARG B 60 -1.97 6.63 11.08
CA ARG B 60 -2.34 7.52 12.16
C ARG B 60 -1.41 7.34 13.35
N GLU B 61 -1.23 8.43 14.10
CA GLU B 61 -0.50 8.43 15.37
C GLU B 61 -1.37 7.80 16.45
N SER B 62 -0.74 7.16 17.44
CA SER B 62 -1.45 6.50 18.52
C SER B 62 -2.55 7.40 19.06
N GLY B 63 -3.81 6.93 18.94
CA GLY B 63 -4.92 7.53 19.65
C GLY B 63 -5.71 8.54 18.81
N VAL B 64 -5.22 8.86 17.61
CA VAL B 64 -5.95 9.76 16.73
C VAL B 64 -7.19 9.02 16.22
N PRO B 65 -8.38 9.64 16.23
CA PRO B 65 -9.60 8.96 15.79
C PRO B 65 -9.59 8.62 14.30
N ASP B 66 -10.46 7.69 13.92
CA ASP B 66 -10.58 7.22 12.55
C ASP B 66 -11.22 8.34 11.70
N ARG B 67 -11.79 9.33 12.40
CA ARG B 67 -12.25 10.60 11.83
C ARG B 67 -11.24 11.14 10.82
N PHE B 68 -9.96 11.17 11.22
CA PHE B 68 -8.89 11.65 10.38
C PHE B 68 -8.38 10.51 9.49
N SER B 69 -8.01 10.83 8.25
CA SER B 69 -7.57 9.83 7.29
C SER B 69 -6.84 10.50 6.14
N GLY B 70 -5.52 10.29 6.07
CA GLY B 70 -4.68 10.86 5.02
C GLY B 70 -4.54 9.89 3.86
N SER B 71 -4.61 10.43 2.63
CA SER B 71 -4.52 9.61 1.43
C SER B 71 -3.67 10.32 0.38
N GLY B 72 -3.52 9.68 -0.79
CA GLY B 72 -2.76 10.22 -1.90
C GLY B 72 -1.38 9.58 -2.02
N SER B 73 -0.62 10.00 -3.03
CA SER B 73 0.74 9.54 -3.24
C SER B 73 1.47 10.48 -4.20
N GLY B 74 2.80 10.49 -4.11
CA GLY B 74 3.64 11.19 -5.07
C GLY B 74 3.77 12.68 -4.76
N ALA B 75 2.80 13.46 -5.22
CA ALA B 75 2.89 14.91 -5.10
C ALA B 75 1.51 15.58 -4.99
N GLU B 76 0.44 14.79 -4.82
CA GLU B 76 -0.90 15.34 -4.64
C GLU B 76 -1.62 14.57 -3.53
N PHE B 77 -1.29 14.92 -2.29
CA PHE B 77 -1.82 14.26 -1.11
C PHE B 77 -3.05 15.01 -0.63
N THR B 78 -3.74 14.43 0.35
CA THR B 78 -4.95 15.03 0.89
C THR B 78 -5.31 14.37 2.22
N LEU B 79 -5.78 15.19 3.16
CA LEU B 79 -6.22 14.74 4.47
C LEU B 79 -7.66 15.22 4.69
N THR B 80 -8.57 14.27 4.87
CA THR B 80 -9.97 14.58 5.05
C THR B 80 -10.43 14.11 6.43
N ILE B 81 -11.17 14.99 7.13
CA ILE B 81 -11.84 14.62 8.37
C ILE B 81 -13.29 14.31 8.03
N SER B 82 -13.73 13.09 8.37
CA SER B 82 -15.05 12.60 8.00
C SER B 82 -16.13 13.53 8.53
N SER B 83 -16.07 13.82 9.83
CA SER B 83 -17.03 14.70 10.49
C SER B 83 -16.26 15.65 11.40
N LEU B 84 -16.43 16.97 11.19
CA LEU B 84 -15.64 17.95 11.92
C LEU B 84 -16.25 18.18 13.30
N GLN B 85 -15.41 18.06 14.33
CA GLN B 85 -15.82 18.27 15.71
C GLN B 85 -15.37 19.65 16.17
N ALA B 86 -15.92 20.07 17.33
CA ALA B 86 -15.69 21.41 17.85
C ALA B 86 -14.18 21.66 18.01
N GLU B 87 -13.49 20.71 18.64
CA GLU B 87 -12.08 20.85 18.98
C GLU B 87 -11.20 20.73 17.74
N ASP B 88 -11.74 20.15 16.65
CA ASP B 88 -10.99 19.93 15.42
C ASP B 88 -10.52 21.26 14.83
N VAL B 89 -11.09 22.39 15.26
CA VAL B 89 -10.66 23.69 14.79
C VAL B 89 -9.16 23.85 15.08
N ALA B 90 -8.40 24.12 14.02
CA ALA B 90 -6.95 24.24 14.10
C ALA B 90 -6.38 24.53 12.72
N ILE B 91 -5.09 24.86 12.66
CA ILE B 91 -4.37 24.95 11.41
C ILE B 91 -3.55 23.68 11.25
N TYR B 92 -3.54 23.13 10.03
CA TYR B 92 -2.88 21.86 9.74
C TYR B 92 -1.80 22.06 8.68
N TYR B 93 -0.68 21.34 8.85
CA TYR B 93 0.48 21.50 7.99
C TYR B 93 0.89 20.15 7.41
N CYS B 94 1.14 20.11 6.10
CA CYS B 94 1.61 18.92 5.42
C CYS B 94 3.12 18.97 5.27
N GLN B 95 3.83 18.31 6.18
CA GLN B 95 5.28 18.33 6.20
C GLN B 95 5.81 17.02 5.60
N GLN B 96 6.57 17.14 4.50
CA GLN B 96 7.27 16.01 3.92
C GLN B 96 8.62 15.83 4.63
N TYR B 97 9.05 14.58 4.81
CA TYR B 97 10.35 14.30 5.38
C TYR B 97 11.30 13.67 4.35
N TYR B 98 10.82 13.49 3.12
CA TYR B 98 11.61 12.91 2.04
C TYR B 98 12.96 13.61 1.95
N SER B 99 12.91 14.95 1.87
CA SER B 99 14.09 15.79 1.85
C SER B 99 14.09 16.70 3.08
N THR B 100 14.91 16.35 4.08
CA THR B 100 14.95 17.09 5.32
C THR B 100 13.51 17.30 5.82
N LEU B 101 13.14 18.54 6.14
CA LEU B 101 11.79 18.88 6.60
C LEU B 101 11.34 20.16 5.91
N THR B 102 10.16 20.11 5.28
CA THR B 102 9.54 21.27 4.67
C THR B 102 8.04 21.18 4.89
N PHE B 103 7.46 22.24 5.49
CA PHE B 103 6.05 22.22 5.88
C PHE B 103 5.24 22.95 4.81
N GLY B 104 3.93 22.65 4.78
CA GLY B 104 3.02 23.29 3.84
C GLY B 104 2.70 24.72 4.24
N GLY B 105 1.97 25.42 3.35
CA GLY B 105 1.52 26.78 3.61
C GLY B 105 0.66 26.85 4.87
N GLY B 106 -0.27 25.90 5.01
CA GLY B 106 -1.14 25.81 6.17
C GLY B 106 -2.61 25.95 5.78
N THR B 107 -3.47 25.19 6.46
CA THR B 107 -4.90 25.24 6.23
C THR B 107 -5.60 25.43 7.58
N LYS B 108 -6.28 26.57 7.74
CA LYS B 108 -7.01 26.89 8.95
C LYS B 108 -8.39 26.24 8.88
N VAL B 109 -8.77 25.51 9.94
CA VAL B 109 -10.03 24.81 10.00
C VAL B 109 -10.87 25.42 11.12
N GLU B 110 -12.10 25.80 10.79
CA GLU B 110 -12.99 26.46 11.74
C GLU B 110 -14.37 25.82 11.67
N ILE B 111 -15.16 26.02 12.73
CA ILE B 111 -16.49 25.45 12.86
C ILE B 111 -17.52 26.54 12.52
N LYS B 112 -18.54 26.17 11.74
CA LYS B 112 -19.73 26.99 11.58
C LYS B 112 -20.72 26.60 12.67
N ARG B 113 -21.52 27.57 13.13
CA ARG B 113 -22.34 27.39 14.31
C ARG B 113 -23.57 28.29 14.23
N THR B 114 -24.62 27.92 14.97
CA THR B 114 -25.77 28.77 15.17
C THR B 114 -25.33 30.12 15.69
N VAL B 115 -26.07 31.18 15.34
CA VAL B 115 -25.71 32.54 15.72
C VAL B 115 -25.64 32.62 17.24
N ALA B 116 -24.67 33.38 17.75
CA ALA B 116 -24.41 33.48 19.17
C ALA B 116 -24.25 34.96 19.56
N ALA B 117 -25.26 35.51 20.24
CA ALA B 117 -25.23 36.89 20.67
C ALA B 117 -24.16 37.06 21.75
N PRO B 118 -23.41 38.18 21.76
CA PRO B 118 -22.32 38.39 22.71
C PRO B 118 -22.81 38.90 24.07
N SER B 119 -22.27 38.35 25.15
CA SER B 119 -22.43 38.94 26.48
C SER B 119 -21.38 40.04 26.64
N VAL B 120 -21.83 41.26 26.95
CA VAL B 120 -20.99 42.45 26.89
C VAL B 120 -20.81 43.02 28.29
N PHE B 121 -19.66 43.69 28.48
CA PHE B 121 -19.26 44.25 29.77
C PHE B 121 -18.32 45.43 29.52
N ILE B 122 -18.56 46.56 30.19
CA ILE B 122 -17.62 47.66 30.17
C ILE B 122 -16.87 47.67 31.50
N PHE B 123 -15.55 47.94 31.43
CA PHE B 123 -14.73 48.18 32.59
C PHE B 123 -14.17 49.60 32.53
N PRO B 124 -14.42 50.46 33.55
CA PRO B 124 -13.88 51.81 33.56
C PRO B 124 -12.42 51.79 33.95
N PRO B 125 -11.69 52.93 33.82
CA PRO B 125 -10.28 52.99 34.21
C PRO B 125 -10.06 52.66 35.69
N SER B 126 -8.83 52.29 36.03
CA SER B 126 -8.50 51.86 37.37
C SER B 126 -7.90 53.02 38.17
N ASP B 127 -8.32 53.14 39.44
CA ASP B 127 -7.80 54.16 40.32
C ASP B 127 -6.28 54.16 40.26
N GLU B 128 -5.69 52.97 40.48
CA GLU B 128 -4.25 52.78 40.45
C GLU B 128 -3.67 53.44 39.20
N GLN B 129 -4.28 53.15 38.04
CA GLN B 129 -3.81 53.62 36.75
C GLN B 129 -3.93 55.15 36.67
N LEU B 130 -5.06 55.69 37.13
CA LEU B 130 -5.33 57.11 36.93
C LEU B 130 -4.24 57.95 37.60
N LYS B 131 -3.72 57.51 38.74
CA LYS B 131 -2.53 58.12 39.32
C LYS B 131 -1.47 58.30 38.25
N SER B 132 -1.20 57.23 37.48
CA SER B 132 -0.18 57.23 36.44
C SER B 132 -0.55 58.19 35.31
N GLY B 133 -1.84 58.51 35.18
CA GLY B 133 -2.28 59.60 34.31
C GLY B 133 -2.86 59.11 32.98
N THR B 134 -3.14 57.81 32.88
CA THR B 134 -3.75 57.23 31.70
C THR B 134 -5.12 56.64 32.03
N ALA B 135 -5.99 56.60 31.01
CA ALA B 135 -7.29 55.99 31.09
C ALA B 135 -7.37 54.86 30.07
N SER B 136 -7.69 53.66 30.53
CA SER B 136 -8.00 52.55 29.63
C SER B 136 -9.40 52.04 29.95
N VAL B 137 -10.32 52.27 29.01
CA VAL B 137 -11.67 51.74 29.10
C VAL B 137 -11.75 50.51 28.20
N VAL B 138 -12.28 49.42 28.76
CA VAL B 138 -12.30 48.12 28.09
C VAL B 138 -13.74 47.79 27.75
N CYS B 139 -13.94 47.03 26.67
CA CYS B 139 -15.22 46.41 26.37
C CYS B 139 -15.00 44.94 26.03
N LEU B 140 -15.78 44.06 26.69
CA LEU B 140 -15.65 42.63 26.49
C LEU B 140 -16.88 42.16 25.71
N LEU B 141 -16.72 41.08 24.94
CA LEU B 141 -17.79 40.50 24.15
C LEU B 141 -17.67 38.99 24.17
N ASN B 142 -17.63 38.42 25.38
CA ASN B 142 -17.37 37.00 25.53
C ASN B 142 -18.48 36.19 24.84
N ASN B 143 -18.08 35.13 24.13
CA ASN B 143 -18.98 34.18 23.50
C ASN B 143 -19.83 34.86 22.44
N PHE B 144 -19.25 35.05 21.24
CA PHE B 144 -19.95 35.66 20.13
C PHE B 144 -19.61 34.88 18.85
N TYR B 145 -20.56 34.87 17.90
CA TYR B 145 -20.36 34.18 16.63
C TYR B 145 -21.49 34.59 15.67
N PRO B 146 -21.21 34.97 14.40
CA PRO B 146 -19.89 34.85 13.78
C PRO B 146 -18.89 35.91 14.25
N ARG B 147 -17.69 35.85 13.66
CA ARG B 147 -16.56 36.67 14.09
C ARG B 147 -16.81 38.15 13.79
N GLU B 148 -17.45 38.43 12.65
CA GLU B 148 -17.62 39.80 12.18
C GLU B 148 -18.49 40.59 13.15
N ALA B 149 -17.89 41.60 13.78
CA ALA B 149 -18.58 42.48 14.71
C ALA B 149 -18.04 43.91 14.57
N LYS B 150 -18.85 44.88 14.97
CA LYS B 150 -18.46 46.29 14.93
C LYS B 150 -18.66 46.87 16.33
N VAL B 151 -17.59 47.45 16.88
CA VAL B 151 -17.62 48.01 18.23
C VAL B 151 -17.16 49.47 18.15
N GLN B 152 -18.09 50.38 18.48
CA GLN B 152 -17.81 51.81 18.48
C GLN B 152 -17.78 52.32 19.92
N TRP B 153 -16.72 53.05 20.26
CA TRP B 153 -16.69 53.85 21.48
C TRP B 153 -17.38 55.18 21.20
N LYS B 154 -18.20 55.64 22.15
CA LYS B 154 -18.81 56.96 22.05
C LYS B 154 -18.83 57.61 23.43
N VAL B 155 -18.23 58.81 23.50
CA VAL B 155 -18.04 59.52 24.75
C VAL B 155 -18.94 60.75 24.73
N ASP B 156 -19.87 60.82 25.70
CA ASP B 156 -20.90 61.84 25.70
C ASP B 156 -21.51 61.92 24.30
N ASN B 157 -21.88 60.74 23.78
CA ASN B 157 -22.43 60.58 22.44
C ASN B 157 -21.51 61.24 21.41
N ALA B 158 -20.25 60.78 21.35
CA ALA B 158 -19.31 61.26 20.35
C ALA B 158 -18.60 60.08 19.70
N LEU B 159 -18.87 59.86 18.41
CA LEU B 159 -18.27 58.77 17.64
C LEU B 159 -16.76 58.89 17.71
N GLN B 160 -16.12 57.91 18.36
CA GLN B 160 -14.70 57.96 18.65
C GLN B 160 -13.91 57.30 17.51
N SER B 161 -12.63 57.66 17.39
CA SER B 161 -11.76 57.12 16.36
C SER B 161 -10.29 57.33 16.73
N GLY B 162 -9.45 56.34 16.39
CA GLY B 162 -8.00 56.49 16.43
C GLY B 162 -7.39 56.09 17.77
N ASN B 163 -8.22 55.65 18.71
CA ASN B 163 -7.77 55.45 20.09
C ASN B 163 -8.21 54.09 20.62
N SER B 164 -8.69 53.22 19.71
CA SER B 164 -9.17 51.91 20.08
C SER B 164 -8.22 50.85 19.54
N GLN B 165 -8.17 49.69 20.23
CA GLN B 165 -7.44 48.54 19.76
C GLN B 165 -8.17 47.28 20.20
N GLU B 166 -8.26 46.31 19.29
CA GLU B 166 -9.05 45.11 19.50
C GLU B 166 -8.17 43.87 19.51
N SER B 167 -8.61 42.83 20.23
CA SER B 167 -8.00 41.51 20.17
C SER B 167 -9.10 40.45 20.19
N VAL B 168 -9.29 39.78 19.05
CA VAL B 168 -10.20 38.65 18.93
C VAL B 168 -9.50 37.41 19.48
N THR B 169 -10.25 36.49 20.07
CA THR B 169 -9.69 35.22 20.51
C THR B 169 -9.65 34.23 19.34
N GLU B 170 -9.15 33.03 19.63
CA GLU B 170 -9.33 31.86 18.78
C GLU B 170 -10.69 31.24 19.09
N GLN B 171 -11.31 30.62 18.08
CA GLN B 171 -12.59 29.96 18.24
C GLN B 171 -12.48 28.92 19.35
N ASP B 172 -13.24 29.12 20.44
CA ASP B 172 -13.14 28.27 21.61
C ASP B 172 -13.25 26.79 21.22
N SER B 173 -12.27 25.99 21.63
CA SER B 173 -12.22 24.58 21.30
C SER B 173 -13.59 23.93 21.46
N LYS B 174 -14.27 24.22 22.57
CA LYS B 174 -15.56 23.64 22.87
C LYS B 174 -16.68 24.50 22.29
N ASP B 175 -16.92 25.67 22.90
CA ASP B 175 -18.05 26.52 22.57
C ASP B 175 -18.08 26.80 21.07
N SER B 176 -16.90 26.72 20.43
CA SER B 176 -16.72 27.17 19.05
C SER B 176 -17.22 28.61 18.90
N THR B 177 -16.93 29.41 19.94
CA THR B 177 -17.31 30.80 20.02
C THR B 177 -16.06 31.69 19.97
N TYR B 178 -16.27 32.95 19.60
CA TYR B 178 -15.21 33.96 19.63
C TYR B 178 -15.48 34.92 20.79
N SER B 179 -14.41 35.59 21.24
CA SER B 179 -14.49 36.68 22.20
C SER B 179 -13.58 37.82 21.73
N LEU B 180 -13.99 39.05 22.04
CA LEU B 180 -13.26 40.23 21.60
C LEU B 180 -12.97 41.13 22.80
N SER B 181 -11.96 41.98 22.66
CA SER B 181 -11.64 43.02 23.63
C SER B 181 -11.28 44.30 22.91
N SER B 182 -12.09 45.36 23.08
CA SER B 182 -11.77 46.69 22.60
C SER B 182 -11.33 47.55 23.78
N THR B 183 -10.10 48.06 23.71
CA THR B 183 -9.50 48.85 24.77
C THR B 183 -9.38 50.30 24.30
N LEU B 184 -10.07 51.23 24.98
CA LEU B 184 -9.98 52.65 24.63
C LEU B 184 -9.01 53.37 25.55
N THR B 185 -7.86 53.73 24.99
CA THR B 185 -6.80 54.39 25.74
C THR B 185 -6.95 55.89 25.58
N LEU B 186 -7.25 56.57 26.70
CA LEU B 186 -7.24 58.02 26.80
C LEU B 186 -6.33 58.49 27.93
N SER B 187 -5.96 59.77 27.85
CA SER B 187 -5.21 60.44 28.91
C SER B 187 -6.18 60.82 30.03
N LYS B 188 -5.66 60.91 31.27
CA LYS B 188 -6.47 61.26 32.42
C LYS B 188 -7.18 62.59 32.18
N ALA B 189 -6.47 63.53 31.55
CA ALA B 189 -7.00 64.85 31.25
C ALA B 189 -8.31 64.73 30.48
N ASP B 190 -8.25 64.09 29.31
CA ASP B 190 -9.40 63.95 28.42
C ASP B 190 -10.49 63.12 29.11
N TYR B 191 -10.06 62.05 29.78
CA TYR B 191 -10.98 61.19 30.51
C TYR B 191 -11.83 61.99 31.49
N GLU B 192 -11.29 63.10 31.99
CA GLU B 192 -11.97 63.93 32.96
C GLU B 192 -12.80 65.03 32.28
N LYS B 193 -12.51 65.31 31.00
CA LYS B 193 -13.26 66.31 30.25
C LYS B 193 -14.66 65.82 29.90
N HIS B 194 -14.94 64.53 30.09
CA HIS B 194 -16.22 63.94 29.70
C HIS B 194 -16.80 63.13 30.86
N LYS B 195 -18.08 62.74 30.73
CA LYS B 195 -18.84 62.14 31.83
C LYS B 195 -19.22 60.70 31.53
N VAL B 196 -19.86 60.47 30.37
CA VAL B 196 -20.43 59.17 30.02
C VAL B 196 -19.55 58.48 28.98
N TYR B 197 -19.11 57.26 29.31
CA TYR B 197 -18.26 56.46 28.44
C TYR B 197 -18.99 55.18 28.06
N ALA B 198 -19.38 55.08 26.78
CA ALA B 198 -20.26 54.03 26.30
C ALA B 198 -19.59 53.21 25.20
N CYS B 199 -20.06 51.97 25.03
CA CYS B 199 -19.55 51.06 24.02
C CYS B 199 -20.73 50.40 23.29
N GLU B 200 -20.82 50.66 21.97
CA GLU B 200 -21.95 50.25 21.16
C GLU B 200 -21.55 49.09 20.25
N VAL B 201 -22.32 47.99 20.33
CA VAL B 201 -21.96 46.73 19.69
C VAL B 201 -23.02 46.37 18.64
N THR B 202 -22.60 46.28 17.38
CA THR B 202 -23.45 45.81 16.31
C THR B 202 -23.03 44.40 15.93
N HIS B 203 -24.01 43.47 15.93
CA HIS B 203 -23.76 42.07 15.66
C HIS B 203 -25.00 41.46 15.01
N GLN B 204 -24.85 40.26 14.45
CA GLN B 204 -25.97 39.51 13.90
C GLN B 204 -26.86 38.99 15.01
N GLY B 205 -26.25 38.60 16.14
CA GLY B 205 -26.94 37.98 17.25
C GLY B 205 -27.85 38.94 18.02
N LEU B 206 -27.67 40.25 17.78
CA LEU B 206 -28.44 41.28 18.47
C LEU B 206 -29.42 41.91 17.49
N SER B 207 -30.71 41.91 17.88
CA SER B 207 -31.79 42.42 17.03
C SER B 207 -31.52 43.88 16.67
N SER B 208 -31.43 44.73 17.69
CA SER B 208 -30.98 46.11 17.55
C SER B 208 -29.74 46.30 18.41
N PRO B 209 -28.80 47.22 18.04
CA PRO B 209 -27.51 47.33 18.72
C PRO B 209 -27.64 47.46 20.24
N VAL B 210 -26.83 46.68 20.98
CA VAL B 210 -26.79 46.78 22.43
C VAL B 210 -25.66 47.72 22.83
N THR B 211 -25.90 48.48 23.89
CA THR B 211 -24.88 49.33 24.50
C THR B 211 -24.80 48.99 25.98
N LYS B 212 -23.56 48.87 26.48
CA LYS B 212 -23.27 49.04 27.89
C LYS B 212 -22.49 50.33 28.02
N SER B 213 -22.54 50.95 29.22
CA SER B 213 -21.95 52.26 29.43
C SER B 213 -21.78 52.50 30.92
N PHE B 214 -20.86 53.41 31.27
CA PHE B 214 -20.68 53.81 32.65
C PHE B 214 -20.69 55.33 32.75
N ASN B 215 -20.87 55.78 34.00
CA ASN B 215 -20.80 57.19 34.37
C ASN B 215 -19.66 57.30 35.38
N ARG B 216 -18.78 58.30 35.21
CA ARG B 216 -17.65 58.48 36.10
C ARG B 216 -18.14 58.52 37.55
N GLY B 217 -19.33 59.12 37.77
CA GLY B 217 -20.06 58.97 39.02
C GLY B 217 -21.02 57.79 38.98
N GLU C 1 2.88 -6.61 -26.28
CA GLU C 1 2.78 -7.19 -24.91
C GLU C 1 3.78 -8.34 -24.76
N VAL C 2 4.08 -8.70 -23.51
CA VAL C 2 4.82 -9.92 -23.20
C VAL C 2 3.93 -11.11 -23.58
N GLN C 3 4.43 -11.94 -24.50
CA GLN C 3 3.61 -12.94 -25.16
C GLN C 3 4.45 -14.18 -25.47
N LEU C 4 4.14 -15.29 -24.78
CA LEU C 4 4.71 -16.59 -25.08
C LEU C 4 3.64 -17.42 -25.77
N VAL C 5 3.95 -17.91 -26.98
CA VAL C 5 3.04 -18.79 -27.71
C VAL C 5 3.78 -20.07 -28.08
N GLU C 6 3.22 -21.22 -27.68
CA GLU C 6 3.87 -22.51 -27.84
C GLU C 6 3.31 -23.20 -29.08
N SER C 7 4.21 -23.84 -29.84
CA SER C 7 3.83 -24.63 -31.00
C SER C 7 4.80 -25.79 -31.17
N GLY C 8 4.35 -26.84 -31.87
CA GLY C 8 5.12 -28.04 -32.10
C GLY C 8 4.60 -29.21 -31.27
N GLY C 9 3.48 -29.78 -31.71
CA GLY C 9 2.85 -30.87 -30.99
C GLY C 9 1.75 -31.50 -31.82
N GLY C 10 1.28 -32.67 -31.38
CA GLY C 10 0.23 -33.39 -32.07
C GLY C 10 0.25 -34.87 -31.71
N LEU C 11 -0.07 -35.73 -32.69
CA LEU C 11 -0.07 -37.17 -32.50
C LEU C 11 1.32 -37.70 -32.81
N VAL C 12 1.75 -38.69 -32.03
CA VAL C 12 3.07 -39.28 -32.20
C VAL C 12 3.02 -40.71 -31.67
N GLN C 13 3.58 -41.65 -32.43
CA GLN C 13 3.58 -43.05 -32.04
C GLN C 13 4.32 -43.21 -30.73
N PRO C 14 3.77 -43.99 -29.75
CA PRO C 14 4.45 -44.24 -28.49
C PRO C 14 5.90 -44.69 -28.75
N GLY C 15 6.84 -44.09 -28.00
CA GLY C 15 8.24 -44.46 -28.06
C GLY C 15 9.04 -43.62 -29.05
N ARG C 16 8.35 -42.80 -29.85
CA ARG C 16 9.02 -41.92 -30.79
C ARG C 16 9.46 -40.64 -30.07
N SER C 17 9.87 -39.64 -30.86
CA SER C 17 10.39 -38.39 -30.32
C SER C 17 9.68 -37.20 -30.99
N LEU C 18 9.64 -36.06 -30.28
CA LEU C 18 9.02 -34.86 -30.82
C LEU C 18 9.58 -33.62 -30.11
N ARG C 19 9.64 -32.52 -30.87
CA ARG C 19 10.30 -31.29 -30.45
C ARG C 19 9.29 -30.13 -30.51
N LEU C 20 9.14 -29.42 -29.39
CA LEU C 20 8.18 -28.32 -29.29
C LEU C 20 8.96 -27.00 -29.26
N SER C 21 8.25 -25.90 -29.52
CA SER C 21 8.86 -24.58 -29.64
C SER C 21 7.97 -23.54 -28.97
N CYS C 22 8.58 -22.70 -28.11
CA CYS C 22 7.86 -21.58 -27.52
C CYS C 22 8.42 -20.25 -28.06
N ALA C 23 7.57 -19.57 -28.85
CA ALA C 23 7.93 -18.31 -29.49
C ALA C 23 7.71 -17.15 -28.51
N ALA C 24 8.81 -16.44 -28.21
CA ALA C 24 8.79 -15.30 -27.29
C ALA C 24 8.56 -14.02 -28.08
N SER C 25 7.94 -13.01 -27.43
CA SER C 25 7.69 -11.73 -28.05
C SER C 25 7.28 -10.69 -27.01
N GLY C 26 8.09 -9.63 -26.88
CA GLY C 26 7.71 -8.44 -26.14
C GLY C 26 8.44 -8.29 -24.81
N PHE C 27 9.60 -8.94 -24.68
CA PHE C 27 10.40 -8.87 -23.46
C PHE C 27 11.79 -9.42 -23.76
N PRO C 28 12.83 -9.03 -22.98
CA PRO C 28 14.17 -9.60 -23.17
C PRO C 28 14.24 -11.04 -22.68
N PHE C 29 13.74 -11.94 -23.53
CA PHE C 29 13.74 -13.38 -23.28
C PHE C 29 15.15 -13.86 -22.93
N ASP C 30 16.17 -13.18 -23.48
CA ASP C 30 17.55 -13.59 -23.33
C ASP C 30 18.05 -13.43 -21.89
N ASP C 31 17.28 -12.71 -21.05
CA ASP C 31 17.58 -12.60 -19.63
C ASP C 31 16.67 -13.51 -18.80
N TYR C 32 15.38 -13.51 -19.15
CA TYR C 32 14.37 -14.25 -18.40
C TYR C 32 14.58 -15.75 -18.53
N ALA C 33 14.56 -16.45 -17.38
CA ALA C 33 14.53 -17.91 -17.36
C ALA C 33 13.11 -18.38 -17.60
N ILE C 34 12.97 -19.53 -18.27
CA ILE C 34 11.69 -20.02 -18.74
C ILE C 34 11.50 -21.46 -18.25
N HIS C 35 10.23 -21.89 -18.13
CA HIS C 35 9.91 -23.24 -17.67
C HIS C 35 8.89 -23.88 -18.60
N TRP C 36 8.95 -25.22 -18.66
CA TRP C 36 7.92 -26.05 -19.26
C TRP C 36 7.08 -26.67 -18.15
N VAL C 37 5.75 -26.55 -18.28
CA VAL C 37 4.83 -27.20 -17.37
C VAL C 37 3.71 -27.81 -18.20
N ARG C 38 3.28 -29.03 -17.83
CA ARG C 38 2.33 -29.78 -18.64
C ARG C 38 1.08 -30.09 -17.80
N LEU C 39 -0.05 -30.20 -18.51
CA LEU C 39 -1.35 -30.47 -17.89
C LEU C 39 -1.94 -31.72 -18.53
N ALA C 40 -1.87 -32.85 -17.81
CA ALA C 40 -2.37 -34.11 -18.29
C ALA C 40 -3.88 -34.18 -18.06
N PRO C 41 -4.68 -34.58 -19.09
CA PRO C 41 -6.13 -34.77 -18.93
C PRO C 41 -6.54 -35.42 -17.61
N GLY C 42 -7.43 -34.73 -16.88
CA GLY C 42 -7.87 -35.17 -15.56
C GLY C 42 -6.94 -34.66 -14.46
N LYS C 43 -5.66 -35.05 -14.57
CA LYS C 43 -4.62 -34.62 -13.64
C LYS C 43 -4.43 -33.10 -13.74
N GLY C 44 -3.56 -32.58 -12.87
CA GLY C 44 -3.31 -31.15 -12.79
C GLY C 44 -1.98 -30.76 -13.41
N LEU C 45 -1.37 -29.71 -12.86
CA LEU C 45 -0.12 -29.16 -13.37
C LEU C 45 1.04 -30.01 -12.88
N GLU C 46 2.05 -30.18 -13.76
CA GLU C 46 3.25 -30.93 -13.45
C GLU C 46 4.45 -30.23 -14.09
N TRP C 47 5.48 -29.98 -13.27
CA TRP C 47 6.69 -29.34 -13.73
C TRP C 47 7.47 -30.32 -14.62
N VAL C 48 8.00 -29.81 -15.74
CA VAL C 48 8.71 -30.63 -16.71
C VAL C 48 10.21 -30.31 -16.63
N SER C 49 10.57 -29.07 -16.96
CA SER C 49 11.96 -28.67 -17.04
C SER C 49 12.11 -27.16 -16.81
N SER C 50 13.34 -26.75 -16.52
CA SER C 50 13.68 -25.35 -16.30
C SER C 50 15.05 -25.06 -16.91
N ILE C 51 15.13 -24.00 -17.74
CA ILE C 51 16.38 -23.60 -18.37
C ILE C 51 16.69 -22.15 -17.98
N SER C 52 17.94 -21.93 -17.55
CA SER C 52 18.43 -20.58 -17.29
C SER C 52 18.65 -19.86 -18.61
N TRP C 53 18.61 -18.52 -18.58
CA TRP C 53 18.89 -17.71 -19.76
C TRP C 53 20.14 -18.23 -20.48
N ASP C 54 21.23 -18.40 -19.73
CA ASP C 54 22.53 -18.77 -20.30
C ASP C 54 22.52 -20.25 -20.69
N SER C 55 21.45 -20.97 -20.31
CA SER C 55 21.34 -22.41 -20.52
C SER C 55 22.38 -23.14 -19.67
N GLY C 56 22.79 -22.52 -18.56
CA GLY C 56 23.81 -23.05 -17.67
C GLY C 56 23.21 -23.66 -16.41
N SER C 57 21.87 -23.71 -16.34
CA SER C 57 21.16 -24.35 -15.24
C SER C 57 19.88 -24.97 -15.77
N ILE C 58 19.82 -26.31 -15.78
CA ILE C 58 18.70 -27.05 -16.33
C ILE C 58 18.37 -28.22 -15.42
N GLY C 59 17.21 -28.14 -14.77
CA GLY C 59 16.65 -29.25 -14.01
C GLY C 59 15.50 -29.92 -14.78
N TYR C 60 15.50 -31.25 -14.80
CA TYR C 60 14.42 -32.04 -15.39
C TYR C 60 13.62 -32.70 -14.27
N ALA C 61 12.42 -33.18 -14.60
CA ALA C 61 11.53 -33.82 -13.63
C ALA C 61 11.77 -35.32 -13.63
N ASP C 62 11.51 -35.92 -12.46
CA ASP C 62 11.77 -37.35 -12.24
C ASP C 62 11.11 -38.16 -13.36
N SER C 63 9.85 -37.81 -13.69
CA SER C 63 9.09 -38.52 -14.70
C SER C 63 9.84 -38.56 -16.02
N VAL C 64 10.32 -37.39 -16.47
CA VAL C 64 10.89 -37.27 -17.80
C VAL C 64 12.42 -37.31 -17.73
N LYS C 65 12.97 -37.92 -16.67
CA LYS C 65 14.40 -37.91 -16.42
C LYS C 65 15.13 -38.64 -17.55
N GLY C 66 16.23 -38.05 -18.03
CA GLY C 66 17.03 -38.61 -19.09
C GLY C 66 16.19 -39.04 -20.30
N ARG C 67 15.12 -38.28 -20.58
CA ARG C 67 14.22 -38.57 -21.68
C ARG C 67 14.03 -37.32 -22.54
N PHE C 68 13.73 -36.19 -21.88
CA PHE C 68 13.51 -34.92 -22.57
C PHE C 68 14.78 -34.07 -22.53
N THR C 69 14.84 -33.08 -23.43
CA THR C 69 16.02 -32.24 -23.60
C THR C 69 15.60 -30.83 -23.97
N ILE C 70 15.83 -29.87 -23.05
CA ILE C 70 15.42 -28.50 -23.23
C ILE C 70 16.56 -27.71 -23.89
N SER C 71 16.20 -26.67 -24.66
CA SER C 71 17.18 -25.87 -25.38
C SER C 71 16.56 -24.53 -25.78
N ARG C 72 17.40 -23.59 -26.25
CA ARG C 72 16.94 -22.26 -26.61
C ARG C 72 17.94 -21.54 -27.52
N ASP C 73 17.39 -20.77 -28.46
CA ASP C 73 18.17 -19.90 -29.34
C ASP C 73 17.81 -18.45 -29.00
N ASN C 74 18.59 -17.85 -28.09
CA ASN C 74 18.34 -16.50 -27.60
C ASN C 74 18.21 -15.53 -28.77
N ALA C 75 18.95 -15.77 -29.86
CA ALA C 75 18.94 -14.89 -31.02
C ALA C 75 17.57 -14.89 -31.68
N LYS C 76 16.93 -16.05 -31.76
CA LYS C 76 15.67 -16.20 -32.49
C LYS C 76 14.49 -16.16 -31.50
N ASN C 77 14.79 -15.89 -30.23
CA ASN C 77 13.77 -15.68 -29.20
C ASN C 77 12.89 -16.91 -29.07
N SER C 78 13.52 -18.09 -29.00
CA SER C 78 12.80 -19.34 -29.08
C SER C 78 13.28 -20.31 -28.00
N LEU C 79 12.31 -21.00 -27.38
CA LEU C 79 12.58 -22.08 -26.44
C LEU C 79 12.12 -23.40 -27.07
N TYR C 80 12.90 -24.47 -26.82
CA TYR C 80 12.66 -25.77 -27.42
C TYR C 80 12.60 -26.85 -26.35
N LEU C 81 11.83 -27.91 -26.63
CA LEU C 81 11.82 -29.10 -25.79
C LEU C 81 11.80 -30.34 -26.69
N GLN C 82 12.94 -31.04 -26.74
CA GLN C 82 13.08 -32.28 -27.48
C GLN C 82 12.62 -33.43 -26.58
N MET C 83 11.51 -34.06 -26.97
CA MET C 83 10.92 -35.14 -26.19
C MET C 83 11.15 -36.46 -26.92
N ASN C 84 11.90 -37.38 -26.28
CA ASN C 84 12.24 -38.67 -26.86
C ASN C 84 11.70 -39.79 -25.96
N SER C 85 11.51 -40.98 -26.56
CA SER C 85 11.02 -42.15 -25.86
C SER C 85 9.69 -41.84 -25.19
N LEU C 86 8.75 -41.32 -26.00
CA LEU C 86 7.47 -40.83 -25.50
C LEU C 86 6.61 -42.00 -25.03
N ARG C 87 5.76 -41.72 -24.03
CA ARG C 87 4.84 -42.70 -23.47
C ARG C 87 3.45 -42.07 -23.35
N ALA C 88 2.45 -42.90 -23.03
CA ALA C 88 1.09 -42.46 -22.86
C ALA C 88 0.97 -41.40 -21.76
N GLU C 89 1.76 -41.57 -20.68
CA GLU C 89 1.70 -40.71 -19.51
C GLU C 89 2.14 -39.28 -19.86
N ASP C 90 2.99 -39.15 -20.88
CA ASP C 90 3.43 -37.86 -21.35
C ASP C 90 2.27 -37.11 -22.00
N THR C 91 1.41 -37.84 -22.72
CA THR C 91 0.24 -37.28 -23.38
C THR C 91 -0.43 -36.24 -22.48
N ALA C 92 -0.38 -34.98 -22.92
CA ALA C 92 -0.86 -33.86 -22.12
C ALA C 92 -0.93 -32.60 -22.97
N LEU C 93 -1.26 -31.47 -22.34
CA LEU C 93 -1.07 -30.15 -22.92
C LEU C 93 0.17 -29.52 -22.31
N TYR C 94 1.00 -28.90 -23.16
CA TYR C 94 2.32 -28.45 -22.75
C TYR C 94 2.39 -26.93 -22.79
N TYR C 95 2.50 -26.33 -21.59
CA TYR C 95 2.56 -24.90 -21.40
C TYR C 95 4.01 -24.45 -21.23
N CYS C 96 4.30 -23.26 -21.76
CA CYS C 96 5.54 -22.56 -21.53
C CYS C 96 5.25 -21.33 -20.66
N ALA C 97 6.07 -21.12 -19.63
CA ALA C 97 5.77 -20.11 -18.63
C ALA C 97 7.06 -19.46 -18.12
N LYS C 98 6.99 -18.14 -17.88
CA LYS C 98 8.10 -17.37 -17.36
C LYS C 98 7.72 -16.78 -16.01
N GLY C 99 8.74 -16.35 -15.26
CA GLY C 99 8.54 -15.56 -14.06
C GLY C 99 8.45 -14.07 -14.39
N ALA C 100 7.64 -13.32 -13.62
CA ALA C 100 7.42 -11.91 -13.87
C ALA C 100 8.76 -11.20 -14.03
N PHE C 101 9.62 -11.36 -13.02
CA PHE C 101 10.95 -10.77 -13.02
C PHE C 101 11.93 -11.78 -13.58
N PRO C 102 13.19 -11.40 -13.86
CA PRO C 102 14.17 -12.31 -14.46
C PRO C 102 15.04 -13.04 -13.44
N GLY C 103 14.62 -14.25 -13.07
CA GLY C 103 15.45 -15.16 -12.30
C GLY C 103 15.10 -16.60 -12.60
N TYR C 104 16.12 -17.48 -12.54
CA TYR C 104 15.92 -18.90 -12.80
C TYR C 104 14.90 -19.46 -11.80
N SER C 105 15.09 -19.13 -10.52
CA SER C 105 14.20 -19.60 -9.46
C SER C 105 13.21 -18.52 -9.04
N SER C 106 13.40 -17.28 -9.51
CA SER C 106 12.50 -16.18 -9.19
C SER C 106 11.07 -16.55 -9.56
N GLY C 107 10.88 -17.14 -10.75
CA GLY C 107 9.58 -17.65 -11.19
C GLY C 107 8.86 -18.44 -10.09
N TRP C 108 9.61 -19.25 -9.34
CA TRP C 108 9.04 -20.03 -8.25
C TRP C 108 8.74 -19.14 -7.05
N TYR C 109 9.64 -18.17 -6.78
CA TYR C 109 9.55 -17.32 -5.61
C TYR C 109 8.32 -16.41 -5.67
N TYR C 110 8.22 -15.66 -6.79
CA TYR C 110 7.20 -14.64 -6.96
C TYR C 110 6.14 -15.08 -7.96
N GLY C 111 6.09 -16.39 -8.26
CA GLY C 111 5.08 -16.96 -9.13
C GLY C 111 5.42 -16.80 -10.60
N LEU C 112 4.63 -17.48 -11.46
CA LEU C 112 4.79 -17.36 -12.90
C LEU C 112 3.68 -16.49 -13.45
N GLU C 113 4.06 -15.28 -13.87
CA GLU C 113 3.12 -14.24 -14.25
C GLU C 113 2.47 -14.57 -15.59
N VAL C 114 3.32 -14.89 -16.58
CA VAL C 114 2.90 -15.04 -17.96
C VAL C 114 2.96 -16.51 -18.36
N TRP C 115 1.86 -17.00 -18.92
CA TRP C 115 1.79 -18.35 -19.47
C TRP C 115 1.32 -18.23 -20.93
N GLY C 116 1.79 -19.15 -21.77
CA GLY C 116 1.26 -19.30 -23.12
C GLY C 116 -0.03 -20.10 -23.10
N GLN C 117 -0.70 -20.22 -24.26
CA GLN C 117 -1.98 -20.90 -24.34
C GLN C 117 -1.78 -22.39 -24.63
N GLY C 118 -0.53 -22.77 -24.95
CA GLY C 118 -0.12 -24.16 -24.91
C GLY C 118 -0.24 -24.84 -26.28
N THR C 119 0.48 -25.96 -26.43
CA THR C 119 0.36 -26.81 -27.60
C THR C 119 0.12 -28.24 -27.12
N THR C 120 -0.85 -28.93 -27.76
CA THR C 120 -1.37 -30.18 -27.24
C THR C 120 -0.59 -31.35 -27.84
N VAL C 121 -0.26 -32.32 -26.99
CA VAL C 121 0.60 -33.44 -27.36
C VAL C 121 -0.12 -34.74 -27.03
N THR C 122 -0.35 -35.54 -28.07
CA THR C 122 -1.07 -36.79 -27.95
C THR C 122 -0.14 -37.94 -28.32
N VAL C 123 0.17 -38.80 -27.34
CA VAL C 123 0.99 -39.97 -27.58
C VAL C 123 0.07 -41.18 -27.64
N SER C 124 -0.51 -41.39 -28.83
CA SER C 124 -1.37 -42.54 -29.08
C SER C 124 -0.83 -43.33 -30.27
N SER C 125 -1.13 -44.63 -30.26
CA SER C 125 -0.81 -45.51 -31.36
C SER C 125 -1.93 -45.48 -32.41
N ALA C 126 -3.02 -44.78 -32.08
CA ALA C 126 -4.15 -44.62 -32.99
C ALA C 126 -3.75 -43.81 -34.21
N SER C 127 -4.64 -43.78 -35.21
CA SER C 127 -4.40 -43.12 -36.49
C SER C 127 -5.04 -41.74 -36.51
N THR C 128 -4.49 -40.84 -37.32
CA THR C 128 -5.10 -39.54 -37.56
C THR C 128 -6.30 -39.71 -38.48
N LYS C 129 -7.26 -38.78 -38.38
CA LYS C 129 -8.47 -38.83 -39.17
C LYS C 129 -8.99 -37.40 -39.37
N GLY C 130 -9.08 -36.99 -40.64
CA GLY C 130 -9.51 -35.64 -41.00
C GLY C 130 -11.03 -35.52 -41.05
N PRO C 131 -11.60 -34.37 -40.64
CA PRO C 131 -13.05 -34.23 -40.49
C PRO C 131 -13.86 -34.14 -41.76
N SER C 132 -15.14 -34.54 -41.66
CA SER C 132 -16.14 -34.31 -42.69
C SER C 132 -17.08 -33.19 -42.23
N VAL C 133 -17.11 -32.07 -42.96
CA VAL C 133 -17.83 -30.88 -42.53
C VAL C 133 -19.09 -30.72 -43.39
N PHE C 134 -20.21 -30.40 -42.74
CA PHE C 134 -21.53 -30.47 -43.33
C PHE C 134 -22.40 -29.31 -42.84
N PRO C 135 -23.14 -28.63 -43.75
CA PRO C 135 -23.83 -27.38 -43.41
C PRO C 135 -25.16 -27.61 -42.71
N LEU C 136 -25.30 -26.97 -41.54
CA LEU C 136 -26.54 -26.95 -40.79
C LEU C 136 -27.29 -25.69 -41.18
N ALA C 137 -28.11 -25.81 -42.23
CA ALA C 137 -28.75 -24.66 -42.85
C ALA C 137 -29.87 -24.13 -41.96
N PRO C 138 -30.23 -22.84 -42.09
CA PRO C 138 -31.52 -22.34 -41.62
C PRO C 138 -32.56 -22.38 -42.75
N SER C 139 -33.83 -22.12 -42.41
CA SER C 139 -34.87 -21.95 -43.42
C SER C 139 -35.35 -20.49 -43.41
N SER C 140 -35.14 -19.80 -44.55
CA SER C 140 -35.42 -18.37 -44.66
C SER C 140 -36.93 -18.11 -44.54
N GLY C 146 -36.25 -12.04 -34.59
CA GLY C 146 -36.13 -12.08 -36.07
C GLY C 146 -34.74 -12.54 -36.52
N THR C 147 -34.15 -13.48 -35.77
CA THR C 147 -32.83 -14.00 -36.05
C THR C 147 -32.94 -15.42 -36.57
N ALA C 148 -31.83 -15.91 -37.13
CA ALA C 148 -31.72 -17.26 -37.64
C ALA C 148 -30.46 -17.91 -37.09
N ALA C 149 -30.60 -19.16 -36.64
CA ALA C 149 -29.47 -19.99 -36.27
C ALA C 149 -29.05 -20.82 -37.47
N LEU C 150 -27.77 -20.72 -37.82
CA LEU C 150 -27.14 -21.64 -38.76
C LEU C 150 -25.75 -21.99 -38.22
N GLY C 151 -25.20 -23.07 -38.77
CA GLY C 151 -23.89 -23.55 -38.38
C GLY C 151 -23.38 -24.58 -39.38
N CYS C 152 -22.37 -25.35 -38.97
CA CYS C 152 -21.97 -26.53 -39.70
C CYS C 152 -21.42 -27.57 -38.74
N LEU C 153 -21.25 -28.79 -39.25
CA LEU C 153 -21.02 -29.97 -38.43
C LEU C 153 -19.67 -30.58 -38.80
N VAL C 154 -18.72 -30.45 -37.87
CA VAL C 154 -17.44 -31.11 -37.99
C VAL C 154 -17.57 -32.48 -37.34
N LYS C 155 -17.16 -33.52 -38.07
CA LYS C 155 -17.64 -34.86 -37.82
C LYS C 155 -16.49 -35.84 -38.01
N ASP C 156 -16.33 -36.75 -37.03
CA ASP C 156 -15.48 -37.93 -37.16
C ASP C 156 -14.04 -37.51 -37.44
N TYR C 157 -13.38 -36.91 -36.44
CA TYR C 157 -11.98 -36.54 -36.56
C TYR C 157 -11.22 -37.00 -35.32
N PHE C 158 -9.88 -37.02 -35.44
CA PHE C 158 -9.01 -37.37 -34.33
C PHE C 158 -7.58 -36.95 -34.66
N PRO C 159 -6.80 -36.35 -33.74
CA PRO C 159 -7.25 -36.01 -32.39
C PRO C 159 -7.80 -34.60 -32.33
N GLU C 160 -7.99 -34.09 -31.10
CA GLU C 160 -8.35 -32.69 -30.88
C GLU C 160 -7.09 -31.82 -31.04
N PRO C 161 -7.24 -30.51 -31.28
CA PRO C 161 -8.53 -29.87 -31.57
C PRO C 161 -8.74 -29.50 -33.04
N VAL C 162 -9.95 -29.03 -33.34
CA VAL C 162 -10.24 -28.29 -34.56
C VAL C 162 -10.64 -26.87 -34.17
N THR C 163 -10.43 -25.92 -35.08
CA THR C 163 -10.90 -24.55 -34.92
C THR C 163 -11.92 -24.23 -36.01
N VAL C 164 -12.98 -23.50 -35.64
CA VAL C 164 -13.94 -23.00 -36.60
C VAL C 164 -14.04 -21.49 -36.47
N SER C 165 -13.71 -20.78 -37.56
CA SER C 165 -14.00 -19.36 -37.68
C SER C 165 -15.02 -19.15 -38.79
N TRP C 166 -15.70 -18.01 -38.77
CA TRP C 166 -16.75 -17.72 -39.74
C TRP C 166 -16.38 -16.50 -40.58
N ASN C 167 -16.82 -16.53 -41.85
CA ASN C 167 -16.52 -15.50 -42.83
C ASN C 167 -15.06 -15.07 -42.69
N SER C 168 -14.16 -16.05 -42.77
CA SER C 168 -12.72 -15.83 -42.65
C SER C 168 -12.41 -15.11 -41.33
N GLY C 169 -13.08 -15.53 -40.27
CA GLY C 169 -12.89 -14.98 -38.94
C GLY C 169 -13.51 -13.58 -38.76
N ALA C 170 -14.16 -13.05 -39.80
CA ALA C 170 -14.77 -11.72 -39.74
C ALA C 170 -16.08 -11.77 -38.96
N LEU C 171 -16.86 -12.83 -39.17
CA LEU C 171 -18.10 -13.06 -38.45
C LEU C 171 -17.77 -13.65 -37.07
N THR C 172 -17.98 -12.85 -36.03
CA THR C 172 -17.44 -13.14 -34.70
C THR C 172 -18.54 -13.30 -33.66
N SER C 173 -19.61 -12.50 -33.76
CA SER C 173 -20.66 -12.46 -32.75
C SER C 173 -21.73 -13.51 -33.03
N GLY C 174 -22.44 -13.92 -31.97
CA GLY C 174 -23.47 -14.93 -32.06
C GLY C 174 -22.91 -16.33 -32.29
N VAL C 175 -21.57 -16.44 -32.32
CA VAL C 175 -20.89 -17.68 -32.65
C VAL C 175 -20.71 -18.50 -31.36
N HIS C 176 -21.04 -19.80 -31.44
CA HIS C 176 -20.82 -20.76 -30.37
C HIS C 176 -20.42 -22.10 -30.98
N THR C 177 -19.11 -22.36 -31.03
CA THR C 177 -18.58 -23.67 -31.40
C THR C 177 -18.71 -24.58 -30.18
N PHE C 178 -19.45 -25.68 -30.35
CA PHE C 178 -19.77 -26.58 -29.23
C PHE C 178 -18.53 -27.41 -28.90
N PRO C 179 -18.45 -27.96 -27.68
CA PRO C 179 -17.44 -28.98 -27.36
C PRO C 179 -17.87 -30.27 -28.06
N ALA C 180 -16.89 -31.10 -28.42
CA ALA C 180 -17.14 -32.25 -29.27
C ALA C 180 -17.41 -33.51 -28.44
N VAL C 181 -18.24 -34.40 -28.98
CA VAL C 181 -18.46 -35.70 -28.35
C VAL C 181 -17.31 -36.62 -28.77
N LEU C 182 -17.07 -37.67 -27.95
CA LEU C 182 -16.26 -38.80 -28.35
C LEU C 182 -17.08 -39.74 -29.23
N GLN C 183 -16.92 -39.58 -30.55
CA GLN C 183 -17.45 -40.56 -31.49
C GLN C 183 -17.20 -41.95 -30.90
N SER C 184 -18.20 -42.83 -30.96
CA SER C 184 -18.08 -44.18 -30.41
C SER C 184 -16.83 -44.88 -30.95
N SER C 185 -16.43 -44.53 -32.18
CA SER C 185 -15.24 -45.06 -32.83
C SER C 185 -13.96 -44.43 -32.29
N GLY C 186 -14.07 -43.60 -31.24
CA GLY C 186 -12.90 -42.95 -30.67
C GLY C 186 -12.50 -41.68 -31.41
N LEU C 187 -13.34 -41.22 -32.36
CA LEU C 187 -13.14 -39.95 -33.03
C LEU C 187 -13.87 -38.84 -32.27
N TYR C 188 -14.12 -37.71 -32.94
CA TYR C 188 -14.82 -36.57 -32.35
C TYR C 188 -15.81 -35.97 -33.34
N SER C 189 -16.83 -35.31 -32.81
CA SER C 189 -17.86 -34.69 -33.61
C SER C 189 -18.25 -33.37 -32.96
N LEU C 190 -18.03 -32.27 -33.69
CA LEU C 190 -18.21 -30.92 -33.18
C LEU C 190 -19.20 -30.16 -34.06
N SER C 191 -19.82 -29.11 -33.50
CA SER C 191 -20.81 -28.32 -34.22
C SER C 191 -20.64 -26.84 -33.89
N SER C 192 -20.21 -26.04 -34.87
CA SER C 192 -20.21 -24.58 -34.71
C SER C 192 -21.53 -24.01 -35.17
N VAL C 193 -22.10 -23.11 -34.37
CA VAL C 193 -23.39 -22.50 -34.67
C VAL C 193 -23.31 -20.99 -34.42
N VAL C 194 -23.75 -20.22 -35.42
CA VAL C 194 -23.84 -18.77 -35.32
C VAL C 194 -25.30 -18.36 -35.43
N THR C 195 -25.63 -17.28 -34.71
CA THR C 195 -26.92 -16.63 -34.80
C THR C 195 -26.74 -15.31 -35.54
N VAL C 196 -27.54 -15.15 -36.61
CA VAL C 196 -27.45 -14.01 -37.51
C VAL C 196 -28.86 -13.47 -37.71
N PRO C 197 -29.02 -12.21 -38.18
CA PRO C 197 -30.32 -11.71 -38.66
C PRO C 197 -30.93 -12.53 -39.80
N SER C 198 -32.26 -12.71 -39.73
CA SER C 198 -33.02 -13.44 -40.74
C SER C 198 -33.03 -12.66 -42.05
N SER C 199 -33.08 -11.32 -41.93
CA SER C 199 -33.13 -10.41 -43.06
C SER C 199 -31.91 -10.55 -43.97
N SER C 200 -30.83 -11.14 -43.45
CA SER C 200 -29.54 -11.11 -44.11
C SER C 200 -29.26 -12.39 -44.91
N LEU C 201 -30.24 -13.32 -44.96
CA LEU C 201 -30.00 -14.62 -45.55
C LEU C 201 -29.96 -14.53 -47.07
N GLY C 202 -30.58 -13.47 -47.63
CA GLY C 202 -30.53 -13.23 -49.06
C GLY C 202 -29.35 -12.33 -49.46
N THR C 203 -28.78 -11.64 -48.48
CA THR C 203 -27.73 -10.66 -48.70
C THR C 203 -26.37 -11.28 -48.39
N GLN C 204 -26.19 -11.70 -47.13
CA GLN C 204 -24.92 -12.24 -46.66
C GLN C 204 -24.78 -13.70 -47.08
N THR C 205 -23.55 -14.13 -47.36
CA THR C 205 -23.25 -15.54 -47.51
C THR C 205 -22.22 -15.95 -46.46
N TYR C 206 -22.53 -17.04 -45.74
CA TYR C 206 -21.78 -17.43 -44.56
C TYR C 206 -20.94 -18.66 -44.86
N ILE C 207 -19.67 -18.62 -44.45
CA ILE C 207 -18.74 -19.71 -44.66
C ILE C 207 -17.98 -19.96 -43.36
N CYS C 208 -18.00 -21.21 -42.90
CA CYS C 208 -17.26 -21.61 -41.71
C CYS C 208 -15.88 -22.13 -42.10
N ASN C 209 -14.86 -21.74 -41.34
CA ASN C 209 -13.48 -22.04 -41.67
C ASN C 209 -12.93 -23.07 -40.68
N VAL C 210 -13.04 -24.35 -41.05
CA VAL C 210 -12.60 -25.45 -40.21
C VAL C 210 -11.11 -25.70 -40.46
N ASN C 211 -10.38 -26.07 -39.40
CA ASN C 211 -8.97 -26.41 -39.54
C ASN C 211 -8.56 -27.46 -38.53
N HIS C 212 -8.11 -28.61 -39.06
CA HIS C 212 -7.59 -29.72 -38.29
C HIS C 212 -6.14 -29.96 -38.73
N LYS C 213 -5.22 -29.21 -38.08
CA LYS C 213 -3.80 -29.25 -38.41
C LYS C 213 -3.22 -30.64 -38.14
N PRO C 214 -3.70 -31.35 -37.09
CA PRO C 214 -3.37 -32.76 -36.94
C PRO C 214 -3.32 -33.48 -38.29
N SER C 215 -4.39 -33.29 -39.07
CA SER C 215 -4.58 -33.93 -40.37
C SER C 215 -3.91 -33.12 -41.46
N ASN C 216 -3.76 -31.81 -41.26
CA ASN C 216 -3.21 -30.94 -42.28
C ASN C 216 -4.29 -30.72 -43.34
N THR C 217 -5.49 -30.40 -42.84
CA THR C 217 -6.73 -30.49 -43.60
C THR C 217 -7.63 -29.32 -43.21
N LYS C 218 -7.75 -28.37 -44.13
CA LYS C 218 -8.60 -27.19 -43.97
C LYS C 218 -9.83 -27.33 -44.88
N VAL C 219 -10.94 -26.73 -44.42
CA VAL C 219 -12.23 -26.82 -45.08
C VAL C 219 -12.96 -25.51 -44.89
N ASP C 220 -13.50 -24.99 -45.99
CA ASP C 220 -14.40 -23.85 -45.96
C ASP C 220 -15.73 -24.29 -46.56
N LYS C 221 -16.75 -24.44 -45.70
CA LYS C 221 -18.05 -24.95 -46.09
C LYS C 221 -19.06 -23.82 -46.11
N ARG C 222 -19.74 -23.67 -47.25
CA ARG C 222 -20.66 -22.56 -47.49
C ARG C 222 -22.08 -22.97 -47.10
N VAL C 223 -22.62 -22.27 -46.10
CA VAL C 223 -23.89 -22.63 -45.49
C VAL C 223 -24.93 -21.65 -46.03
N GLU C 224 -26.01 -22.19 -46.60
CA GLU C 224 -26.97 -21.36 -47.31
C GLU C 224 -28.36 -21.96 -47.19
N PRO C 225 -29.42 -21.12 -47.24
CA PRO C 225 -30.80 -21.58 -46.99
C PRO C 225 -31.23 -22.74 -47.88
N LYS C 226 -31.76 -23.79 -47.24
CA LYS C 226 -32.24 -24.96 -47.96
C LYS C 226 -33.40 -24.54 -48.88
N SER C 227 -33.39 -25.05 -50.10
CA SER C 227 -34.54 -24.93 -50.98
C SER C 227 -35.57 -25.97 -50.58
N CYS C 228 -36.86 -25.62 -50.72
CA CYS C 228 -37.96 -26.52 -50.43
C CYS C 228 -38.88 -26.62 -51.65
N SER D 2 7.64 -35.28 -4.37
CA SER D 2 6.35 -35.99 -4.32
C SER D 2 5.26 -35.15 -5.00
N VAL D 3 4.02 -35.66 -4.96
CA VAL D 3 2.85 -34.87 -5.33
C VAL D 3 2.24 -34.32 -4.04
N VAL D 4 1.69 -33.11 -4.12
CA VAL D 4 1.28 -32.35 -2.96
C VAL D 4 -0.20 -32.60 -2.70
N THR D 5 -0.52 -33.08 -1.48
CA THR D 5 -1.87 -33.42 -1.09
C THR D 5 -2.77 -32.19 -1.22
N GLN D 6 -3.85 -32.33 -2.00
CA GLN D 6 -4.79 -31.24 -2.19
C GLN D 6 -6.17 -31.83 -2.49
N PRO D 7 -7.21 -31.52 -1.67
CA PRO D 7 -8.50 -32.18 -1.83
C PRO D 7 -9.01 -31.98 -3.25
N PRO D 8 -9.63 -33.00 -3.87
CA PRO D 8 -10.00 -32.92 -5.28
C PRO D 8 -11.07 -31.87 -5.54
N SER D 9 -11.96 -31.71 -4.55
CA SER D 9 -13.17 -30.93 -4.72
C SER D 9 -13.37 -30.00 -3.52
N ALA D 10 -13.97 -28.84 -3.78
CA ALA D 10 -14.40 -27.94 -2.73
C ALA D 10 -15.69 -27.25 -3.17
N SER D 11 -16.35 -26.55 -2.23
CA SER D 11 -17.66 -25.97 -2.49
C SER D 11 -17.94 -24.79 -1.56
N GLY D 12 -18.79 -23.87 -2.05
CA GLY D 12 -19.21 -22.71 -1.28
C GLY D 12 -20.37 -21.99 -1.98
N SER D 13 -21.28 -21.42 -1.18
CA SER D 13 -22.44 -20.73 -1.71
C SER D 13 -22.05 -19.32 -2.13
N LEU D 14 -22.88 -18.72 -2.98
CA LEU D 14 -22.61 -17.41 -3.56
C LEU D 14 -22.55 -16.37 -2.44
N GLY D 15 -21.43 -15.64 -2.37
CA GLY D 15 -21.24 -14.60 -1.37
C GLY D 15 -20.51 -15.09 -0.13
N GLN D 16 -20.41 -16.41 0.05
CA GLN D 16 -19.80 -16.99 1.23
C GLN D 16 -18.29 -17.06 1.04
N SER D 17 -17.60 -17.82 1.91
CA SER D 17 -16.18 -18.06 1.79
C SER D 17 -15.92 -19.54 1.57
N VAL D 18 -14.63 -19.89 1.43
CA VAL D 18 -14.19 -21.27 1.26
C VAL D 18 -12.67 -21.30 1.40
N THR D 19 -12.13 -22.37 1.99
CA THR D 19 -10.70 -22.56 2.10
C THR D 19 -10.27 -23.79 1.31
N ILE D 20 -9.12 -23.66 0.63
CA ILE D 20 -8.54 -24.76 -0.14
C ILE D 20 -7.18 -25.08 0.47
N SER D 21 -7.13 -26.18 1.25
CA SER D 21 -5.91 -26.61 1.90
C SER D 21 -4.94 -27.20 0.87
N CYS D 22 -3.68 -27.31 1.29
CA CYS D 22 -2.61 -27.78 0.42
C CYS D 22 -1.42 -28.23 1.26
N THR D 23 -1.24 -29.56 1.35
CA THR D 23 -0.29 -30.15 2.29
C THR D 23 0.87 -30.77 1.51
N GLY D 24 2.10 -30.29 1.78
CA GLY D 24 3.30 -30.80 1.15
C GLY D 24 4.24 -31.45 2.17
N THR D 25 5.54 -31.15 2.06
CA THR D 25 6.55 -31.63 2.99
C THR D 25 7.34 -30.45 3.55
N SER D 26 8.31 -30.76 4.42
CA SER D 26 9.16 -29.74 5.03
C SER D 26 10.24 -29.26 4.07
N SER D 27 10.31 -29.87 2.87
CA SER D 27 11.29 -29.50 1.87
C SER D 27 10.69 -28.59 0.80
N ASP D 28 9.39 -28.29 0.91
CA ASP D 28 8.70 -27.43 -0.05
C ASP D 28 7.84 -26.41 0.69
N VAL D 29 6.61 -26.79 1.07
CA VAL D 29 5.69 -25.88 1.73
C VAL D 29 6.30 -25.45 3.07
N GLY D 30 6.91 -26.41 3.77
CA GLY D 30 7.57 -26.14 5.03
C GLY D 30 9.06 -25.81 4.85
N GLY D 31 9.53 -25.79 3.60
CA GLY D 31 10.92 -25.52 3.30
C GLY D 31 11.17 -24.03 3.02
N TYR D 32 10.26 -23.43 2.24
CA TYR D 32 10.38 -22.03 1.85
C TYR D 32 8.99 -21.39 1.81
N ASN D 33 8.96 -20.06 1.93
CA ASN D 33 7.72 -19.30 1.86
C ASN D 33 7.54 -18.74 0.46
N TYR D 34 7.73 -19.60 -0.56
CA TYR D 34 7.56 -19.22 -1.95
C TYR D 34 6.35 -19.97 -2.52
N VAL D 35 5.29 -20.06 -1.72
CA VAL D 35 4.10 -20.79 -2.09
C VAL D 35 3.23 -19.88 -2.95
N SER D 36 2.84 -20.39 -4.13
CA SER D 36 1.98 -19.67 -5.05
C SER D 36 0.63 -20.39 -5.13
N TRP D 37 -0.36 -19.72 -5.72
CA TRP D 37 -1.65 -20.32 -6.02
C TRP D 37 -2.07 -19.89 -7.42
N TYR D 38 -2.57 -20.85 -8.22
CA TYR D 38 -2.92 -20.58 -9.60
C TYR D 38 -4.39 -20.93 -9.86
N GLN D 39 -5.08 -20.01 -10.53
CA GLN D 39 -6.45 -20.22 -10.98
C GLN D 39 -6.41 -20.57 -12.46
N GLN D 40 -7.19 -21.58 -12.84
CA GLN D 40 -7.31 -21.99 -14.23
C GLN D 40 -8.77 -22.23 -14.58
N HIS D 41 -9.26 -21.48 -15.57
CA HIS D 41 -10.58 -21.67 -16.15
C HIS D 41 -10.45 -22.64 -17.34
N PRO D 42 -11.55 -23.30 -17.76
CA PRO D 42 -11.50 -24.22 -18.90
C PRO D 42 -11.02 -23.57 -20.20
N GLY D 43 -10.06 -24.23 -20.85
CA GLY D 43 -9.57 -23.82 -22.16
C GLY D 43 -8.78 -22.51 -22.11
N LYS D 44 -8.18 -22.21 -20.94
CA LYS D 44 -7.35 -21.02 -20.80
C LYS D 44 -6.14 -21.36 -19.94
N ALA D 45 -5.11 -20.52 -20.06
CA ALA D 45 -3.85 -20.72 -19.36
C ALA D 45 -4.03 -20.45 -17.87
N PRO D 46 -3.10 -20.89 -16.99
CA PRO D 46 -3.19 -20.62 -15.57
C PRO D 46 -2.92 -19.15 -15.30
N LYS D 47 -3.44 -18.66 -14.17
CA LYS D 47 -3.20 -17.29 -13.73
C LYS D 47 -2.62 -17.32 -12.31
N LEU D 48 -1.60 -16.49 -12.08
CA LEU D 48 -1.03 -16.33 -10.76
C LEU D 48 -1.99 -15.49 -9.90
N MET D 49 -2.41 -16.07 -8.76
CA MET D 49 -3.41 -15.48 -7.90
C MET D 49 -2.80 -15.07 -6.57
N ILE D 50 -1.87 -15.89 -6.06
CA ILE D 50 -1.09 -15.59 -4.88
C ILE D 50 0.37 -15.94 -5.17
N PHE D 51 1.29 -15.15 -4.60
CA PHE D 51 2.69 -15.51 -4.53
C PHE D 51 3.20 -15.21 -3.11
N GLU D 52 4.37 -15.75 -2.77
CA GLU D 52 4.95 -15.55 -1.45
C GLU D 52 3.87 -15.73 -0.39
N VAL D 53 3.18 -16.87 -0.45
CA VAL D 53 2.24 -17.33 0.57
C VAL D 53 0.93 -16.53 0.51
N SER D 54 1.02 -15.20 0.62
CA SER D 54 -0.17 -14.39 0.85
C SER D 54 -0.18 -13.09 0.05
N LYS D 55 0.88 -12.80 -0.73
CA LYS D 55 0.93 -11.57 -1.49
C LYS D 55 0.15 -11.74 -2.78
N ARG D 56 -0.60 -10.70 -3.17
CA ARG D 56 -1.42 -10.75 -4.37
C ARG D 56 -0.72 -9.94 -5.45
N PRO D 57 -0.70 -10.41 -6.72
CA PRO D 57 -0.24 -9.60 -7.84
C PRO D 57 -1.19 -8.44 -8.13
N SER D 58 -0.76 -7.59 -9.07
CA SER D 58 -1.58 -6.47 -9.54
C SER D 58 -2.86 -7.00 -10.18
N GLY D 59 -4.00 -6.45 -9.75
CA GLY D 59 -5.29 -6.70 -10.40
C GLY D 59 -6.03 -7.91 -9.83
N VAL D 60 -5.55 -8.43 -8.70
CA VAL D 60 -6.16 -9.59 -8.06
C VAL D 60 -6.90 -9.14 -6.82
N PRO D 61 -8.23 -9.41 -6.70
CA PRO D 61 -9.02 -8.98 -5.53
C PRO D 61 -8.45 -9.40 -4.18
N ASP D 62 -8.84 -8.64 -3.14
CA ASP D 62 -8.44 -8.89 -1.78
C ASP D 62 -9.23 -10.09 -1.21
N ARG D 63 -10.37 -10.37 -1.84
CA ARG D 63 -11.18 -11.54 -1.53
C ARG D 63 -10.30 -12.77 -1.33
N PHE D 64 -9.30 -12.93 -2.21
CA PHE D 64 -8.37 -14.06 -2.17
C PHE D 64 -7.25 -13.75 -1.18
N SER D 65 -6.94 -14.72 -0.32
CA SER D 65 -6.02 -14.52 0.78
C SER D 65 -5.26 -15.81 1.08
N GLY D 66 -3.93 -15.73 1.03
CA GLY D 66 -3.09 -16.89 1.25
C GLY D 66 -2.57 -16.97 2.69
N SER D 67 -2.14 -18.17 3.09
CA SER D 67 -1.62 -18.42 4.42
C SER D 67 -0.96 -19.79 4.45
N LYS D 68 -0.40 -20.17 5.61
CA LYS D 68 0.35 -21.40 5.74
C LYS D 68 0.40 -21.81 7.22
N SER D 69 0.77 -23.07 7.48
CA SER D 69 0.93 -23.57 8.83
C SER D 69 1.69 -24.90 8.79
N GLY D 70 3.01 -24.83 8.96
CA GLY D 70 3.88 -25.98 8.80
C GLY D 70 4.07 -26.32 7.32
N ASN D 71 3.61 -27.51 6.91
CA ASN D 71 3.69 -27.95 5.52
C ASN D 71 2.32 -27.82 4.86
N THR D 72 1.40 -27.07 5.48
CA THR D 72 0.05 -26.94 4.98
C THR D 72 -0.23 -25.48 4.66
N ALA D 73 -0.37 -25.18 3.37
CA ALA D 73 -0.79 -23.87 2.90
C ALA D 73 -2.30 -23.88 2.66
N SER D 74 -2.92 -22.71 2.81
CA SER D 74 -4.35 -22.57 2.67
C SER D 74 -4.70 -21.31 1.89
N LEU D 75 -5.62 -21.44 0.92
CA LEU D 75 -6.12 -20.31 0.16
C LEU D 75 -7.60 -20.13 0.48
N THR D 76 -7.96 -18.91 0.92
CA THR D 76 -9.33 -18.61 1.30
C THR D 76 -9.89 -17.56 0.35
N VAL D 77 -11.11 -17.80 -0.15
CA VAL D 77 -11.75 -16.92 -1.12
C VAL D 77 -13.08 -16.43 -0.55
N SER D 78 -13.07 -15.21 -0.02
CA SER D 78 -14.23 -14.60 0.60
C SER D 78 -15.04 -13.83 -0.46
N GLY D 79 -16.29 -13.52 -0.12
CA GLY D 79 -17.19 -12.84 -1.05
C GLY D 79 -17.29 -13.58 -2.36
N LEU D 80 -17.52 -14.90 -2.27
CA LEU D 80 -17.40 -15.80 -3.39
C LEU D 80 -18.40 -15.40 -4.48
N GLN D 81 -17.90 -15.32 -5.72
CA GLN D 81 -18.70 -14.96 -6.88
C GLN D 81 -18.84 -16.18 -7.77
N ALA D 82 -19.72 -16.08 -8.78
CA ALA D 82 -20.02 -17.19 -9.65
C ALA D 82 -18.77 -17.58 -10.45
N GLU D 83 -17.98 -16.57 -10.82
CA GLU D 83 -16.82 -16.76 -11.69
C GLU D 83 -15.70 -17.52 -10.95
N ASP D 84 -15.73 -17.47 -9.61
CA ASP D 84 -14.75 -18.18 -8.79
C ASP D 84 -14.81 -19.69 -9.03
N GLU D 85 -15.91 -20.18 -9.61
CA GLU D 85 -16.09 -21.59 -9.91
C GLU D 85 -15.03 -22.03 -10.92
N ALA D 86 -13.90 -22.53 -10.40
CA ALA D 86 -12.78 -22.98 -11.22
C ALA D 86 -11.87 -23.92 -10.44
N ASP D 87 -10.83 -24.42 -11.12
CA ASP D 87 -9.80 -25.26 -10.51
C ASP D 87 -8.71 -24.38 -9.91
N TYR D 88 -8.01 -24.92 -8.91
CA TYR D 88 -6.97 -24.18 -8.21
C TYR D 88 -5.84 -25.14 -7.81
N TYR D 89 -4.59 -24.74 -8.07
CA TYR D 89 -3.43 -25.49 -7.63
C TYR D 89 -2.46 -24.55 -6.92
N CYS D 90 -1.81 -25.07 -5.88
CA CYS D 90 -0.73 -24.36 -5.20
C CYS D 90 0.61 -24.75 -5.85
N SER D 91 1.60 -23.88 -5.71
CA SER D 91 2.95 -24.15 -6.19
C SER D 91 3.95 -23.82 -5.09
N SER D 92 5.18 -24.35 -5.23
CA SER D 92 6.20 -24.20 -4.21
C SER D 92 7.59 -24.44 -4.81
N TYR D 93 8.58 -23.72 -4.28
CA TYR D 93 9.97 -23.94 -4.62
C TYR D 93 10.46 -25.17 -3.87
N ALA D 94 11.49 -25.84 -4.41
CA ALA D 94 12.03 -27.05 -3.79
C ALA D 94 13.49 -27.30 -4.20
N GLY D 95 14.22 -26.22 -4.52
CA GLY D 95 15.62 -26.34 -4.90
C GLY D 95 15.80 -26.62 -6.38
N ASN D 96 15.98 -25.55 -7.16
CA ASN D 96 16.18 -25.59 -8.61
C ASN D 96 14.99 -26.26 -9.30
N LYS D 97 13.87 -26.40 -8.58
CA LYS D 97 12.69 -27.05 -9.11
C LYS D 97 11.47 -26.56 -8.35
N GLY D 98 10.34 -26.48 -9.06
CA GLY D 98 9.05 -26.23 -8.43
C GLY D 98 8.22 -27.52 -8.40
N VAL D 99 7.14 -27.48 -7.61
CA VAL D 99 6.22 -28.59 -7.50
C VAL D 99 4.82 -28.00 -7.38
N PHE D 100 3.82 -28.72 -7.90
CA PHE D 100 2.44 -28.27 -7.82
C PHE D 100 1.64 -29.22 -6.93
N GLY D 101 0.43 -28.77 -6.57
CA GLY D 101 -0.54 -29.62 -5.91
C GLY D 101 -1.31 -30.46 -6.92
N GLY D 102 -2.06 -31.43 -6.40
CA GLY D 102 -2.95 -32.24 -7.21
C GLY D 102 -4.00 -31.38 -7.92
N GLY D 103 -4.48 -30.34 -7.22
CA GLY D 103 -5.50 -29.46 -7.74
C GLY D 103 -6.83 -29.64 -7.01
N THR D 104 -7.67 -28.60 -7.06
CA THR D 104 -8.97 -28.63 -6.43
C THR D 104 -9.98 -27.92 -7.32
N LYS D 105 -11.10 -28.58 -7.62
CA LYS D 105 -12.14 -28.01 -8.44
C LYS D 105 -13.20 -27.42 -7.50
N LEU D 106 -13.39 -26.10 -7.60
CA LEU D 106 -14.31 -25.38 -6.76
C LEU D 106 -15.65 -25.21 -7.48
N THR D 107 -16.72 -25.62 -6.82
CA THR D 107 -18.08 -25.40 -7.32
C THR D 107 -18.74 -24.32 -6.48
N VAL D 108 -19.33 -23.32 -7.14
CA VAL D 108 -19.97 -22.21 -6.46
C VAL D 108 -21.48 -22.44 -6.45
N LEU D 109 -22.03 -22.65 -5.25
CA LEU D 109 -23.44 -22.91 -5.06
C LEU D 109 -24.19 -21.58 -4.97
N GLY D 110 -25.53 -21.66 -4.98
CA GLY D 110 -26.38 -20.50 -4.84
C GLY D 110 -26.52 -19.72 -6.15
N GLN D 111 -25.83 -20.18 -7.19
CA GLN D 111 -26.01 -19.63 -8.53
C GLN D 111 -27.46 -19.90 -8.94
N PRO D 112 -28.17 -18.90 -9.51
CA PRO D 112 -29.58 -19.07 -9.85
C PRO D 112 -29.79 -20.11 -10.95
N LYS D 113 -30.98 -20.73 -10.95
CA LYS D 113 -31.34 -21.67 -12.00
C LYS D 113 -31.35 -20.94 -13.35
N ALA D 114 -30.92 -21.65 -14.40
CA ALA D 114 -31.03 -21.16 -15.76
C ALA D 114 -31.70 -22.22 -16.62
N ALA D 115 -32.76 -21.83 -17.33
CA ALA D 115 -33.48 -22.72 -18.22
C ALA D 115 -32.61 -23.04 -19.44
N PRO D 116 -32.70 -24.27 -20.02
CA PRO D 116 -31.94 -24.63 -21.20
C PRO D 116 -32.59 -24.18 -22.52
N SER D 117 -31.75 -23.97 -23.53
CA SER D 117 -32.19 -23.56 -24.84
C SER D 117 -31.72 -24.57 -25.88
N VAL D 118 -32.70 -25.27 -26.47
CA VAL D 118 -32.46 -26.43 -27.32
C VAL D 118 -32.59 -26.01 -28.77
N THR D 119 -31.61 -26.40 -29.59
CA THR D 119 -31.62 -26.15 -31.01
C THR D 119 -31.24 -27.45 -31.72
N LEU D 120 -32.26 -28.05 -32.35
CA LEU D 120 -32.11 -29.30 -33.07
C LEU D 120 -32.07 -29.03 -34.57
N PHE D 121 -31.08 -29.65 -35.25
CA PHE D 121 -30.88 -29.52 -36.69
C PHE D 121 -31.05 -30.88 -37.33
N PRO D 122 -31.80 -30.98 -38.47
CA PRO D 122 -31.97 -32.24 -39.19
C PRO D 122 -30.73 -32.54 -40.04
N PRO D 123 -30.69 -33.66 -40.79
CA PRO D 123 -29.54 -33.99 -41.64
C PRO D 123 -29.48 -33.14 -42.90
N SER D 124 -28.25 -32.76 -43.28
CA SER D 124 -28.02 -32.00 -44.50
C SER D 124 -27.99 -32.97 -45.68
N SER D 125 -28.54 -32.56 -46.83
CA SER D 125 -28.59 -33.40 -48.01
C SER D 125 -27.17 -33.84 -48.41
N GLU D 126 -26.19 -32.94 -48.25
CA GLU D 126 -24.80 -33.27 -48.53
C GLU D 126 -24.37 -34.50 -47.72
N GLU D 127 -24.64 -34.47 -46.41
CA GLU D 127 -24.38 -35.62 -45.55
C GLU D 127 -25.10 -36.84 -46.13
N LEU D 128 -26.42 -36.72 -46.32
CA LEU D 128 -27.25 -37.79 -46.86
C LEU D 128 -26.65 -38.33 -48.16
N GLN D 129 -26.07 -37.44 -48.96
CA GLN D 129 -25.45 -37.82 -50.22
C GLN D 129 -24.14 -38.56 -49.98
N ALA D 130 -23.75 -38.72 -48.71
CA ALA D 130 -22.66 -39.61 -48.32
C ALA D 130 -23.23 -40.75 -47.46
N ASN D 131 -24.43 -41.20 -47.82
CA ASN D 131 -25.12 -42.31 -47.17
C ASN D 131 -24.97 -42.22 -45.65
N LYS D 132 -25.22 -41.02 -45.11
CA LYS D 132 -25.11 -40.77 -43.68
C LYS D 132 -26.21 -39.79 -43.28
N ALA D 133 -26.62 -39.82 -42.01
CA ALA D 133 -27.62 -38.91 -41.50
C ALA D 133 -27.37 -38.62 -40.02
N THR D 134 -27.44 -37.33 -39.65
CA THR D 134 -27.16 -36.89 -38.29
C THR D 134 -28.12 -35.75 -37.91
N LEU D 135 -28.82 -35.93 -36.78
CA LEU D 135 -29.63 -34.89 -36.16
C LEU D 135 -28.83 -34.17 -35.07
N VAL D 136 -28.84 -32.84 -34.99
CA VAL D 136 -27.94 -32.14 -34.06
C VAL D 136 -28.67 -31.30 -33.02
N CYS D 137 -28.87 -31.87 -31.82
CA CYS D 137 -29.46 -31.18 -30.67
C CYS D 137 -28.36 -30.50 -29.84
N LEU D 138 -28.56 -29.20 -29.54
CA LEU D 138 -27.56 -28.36 -28.93
C LEU D 138 -28.21 -27.60 -27.78
N ILE D 139 -27.84 -27.97 -26.54
CA ILE D 139 -28.30 -27.31 -25.32
C ILE D 139 -27.30 -26.21 -24.94
N SER D 140 -27.78 -25.23 -24.17
CA SER D 140 -27.00 -24.05 -23.82
C SER D 140 -27.73 -23.20 -22.78
N ASP D 141 -26.95 -22.35 -22.10
CA ASP D 141 -27.45 -21.32 -21.21
C ASP D 141 -28.24 -21.93 -20.04
N PHE D 142 -27.82 -23.09 -19.52
CA PHE D 142 -28.58 -23.73 -18.45
C PHE D 142 -27.73 -23.94 -17.21
N TYR D 143 -28.42 -23.95 -16.06
CA TYR D 143 -27.81 -24.15 -14.75
C TYR D 143 -28.87 -24.70 -13.81
N PRO D 144 -28.61 -25.78 -13.03
CA PRO D 144 -27.29 -26.41 -12.96
C PRO D 144 -26.97 -27.27 -14.19
N GLY D 145 -25.86 -28.00 -14.12
CA GLY D 145 -25.30 -28.69 -15.28
C GLY D 145 -26.06 -29.96 -15.66
N ALA D 146 -26.77 -30.57 -14.71
CA ALA D 146 -27.42 -31.83 -14.98
C ALA D 146 -28.48 -31.65 -16.06
N VAL D 147 -28.50 -32.58 -17.02
CA VAL D 147 -29.50 -32.58 -18.06
C VAL D 147 -29.64 -34.01 -18.58
N THR D 148 -30.90 -34.41 -18.82
CA THR D 148 -31.19 -35.64 -19.55
C THR D 148 -31.60 -35.30 -20.98
N VAL D 149 -31.05 -36.07 -21.93
CA VAL D 149 -31.44 -35.94 -23.32
C VAL D 149 -32.05 -37.26 -23.75
N ALA D 150 -33.29 -37.19 -24.25
CA ALA D 150 -33.95 -38.36 -24.81
C ALA D 150 -34.38 -38.06 -26.23
N TRP D 151 -34.08 -39.00 -27.14
CA TRP D 151 -34.54 -38.93 -28.52
C TRP D 151 -35.70 -39.89 -28.71
N LYS D 152 -36.56 -39.57 -29.68
CA LYS D 152 -37.68 -40.41 -30.05
C LYS D 152 -37.91 -40.35 -31.56
N ALA D 153 -37.99 -41.52 -32.19
CA ALA D 153 -38.42 -41.61 -33.58
C ALA D 153 -39.94 -41.70 -33.63
N ASP D 154 -40.57 -40.70 -34.28
CA ASP D 154 -42.00 -40.54 -34.24
C ASP D 154 -42.42 -40.47 -32.77
N SER D 155 -43.17 -41.47 -32.28
CA SER D 155 -43.53 -41.52 -30.87
C SER D 155 -42.56 -42.41 -30.09
N SER D 156 -41.75 -43.20 -30.81
CA SER D 156 -41.05 -44.33 -30.25
C SER D 156 -39.56 -44.00 -30.07
N PRO D 157 -39.06 -43.90 -28.82
CA PRO D 157 -37.67 -43.50 -28.55
C PRO D 157 -36.60 -44.42 -29.11
N VAL D 158 -35.45 -43.83 -29.47
CA VAL D 158 -34.31 -44.55 -30.00
C VAL D 158 -33.11 -44.30 -29.09
N LYS D 159 -32.37 -45.36 -28.74
CA LYS D 159 -31.23 -45.25 -27.84
C LYS D 159 -29.93 -45.67 -28.55
N ALA D 160 -29.99 -45.85 -29.88
CA ALA D 160 -28.81 -46.14 -30.67
C ALA D 160 -28.35 -44.90 -31.42
N GLY D 161 -27.05 -44.85 -31.75
CA GLY D 161 -26.48 -43.72 -32.46
C GLY D 161 -26.52 -42.43 -31.63
N VAL D 162 -26.93 -42.55 -30.38
CA VAL D 162 -27.01 -41.40 -29.49
C VAL D 162 -25.62 -41.20 -28.88
N GLU D 163 -25.07 -40.00 -29.10
CA GLU D 163 -23.86 -39.55 -28.43
C GLU D 163 -24.20 -38.22 -27.79
N THR D 164 -23.65 -37.94 -26.60
CA THR D 164 -23.97 -36.72 -25.88
C THR D 164 -22.78 -36.23 -25.07
N THR D 165 -22.52 -34.92 -25.15
CA THR D 165 -21.53 -34.28 -24.30
C THR D 165 -21.93 -34.47 -22.84
N THR D 166 -20.93 -34.35 -21.95
CA THR D 166 -21.21 -33.85 -20.61
C THR D 166 -21.17 -32.33 -20.70
N PRO D 167 -22.21 -31.64 -20.17
CA PRO D 167 -22.26 -30.19 -20.23
C PRO D 167 -20.93 -29.54 -19.84
N SER D 168 -20.48 -28.60 -20.68
CA SER D 168 -19.32 -27.78 -20.37
C SER D 168 -19.79 -26.37 -20.04
N LYS D 169 -18.89 -25.56 -19.48
CA LYS D 169 -19.22 -24.21 -19.08
C LYS D 169 -18.80 -23.21 -20.16
N GLN D 170 -19.67 -22.25 -20.42
CA GLN D 170 -19.46 -21.24 -21.45
C GLN D 170 -19.07 -19.91 -20.80
N SER D 171 -18.91 -18.88 -21.62
CA SER D 171 -18.59 -17.55 -21.15
C SER D 171 -19.78 -16.92 -20.41
N ASN D 172 -20.97 -17.51 -20.58
CA ASN D 172 -22.16 -17.05 -19.88
C ASN D 172 -22.16 -17.58 -18.44
N ASN D 173 -21.06 -18.24 -18.05
CA ASN D 173 -20.94 -18.82 -16.72
C ASN D 173 -22.01 -19.89 -16.54
N LYS D 174 -22.57 -20.35 -17.66
CA LYS D 174 -23.63 -21.35 -17.69
C LYS D 174 -23.08 -22.60 -18.38
N TYR D 175 -23.95 -23.56 -18.70
CA TYR D 175 -23.51 -24.81 -19.29
C TYR D 175 -23.93 -24.90 -20.76
N ALA D 176 -23.57 -26.02 -21.40
CA ALA D 176 -23.80 -26.24 -22.83
C ALA D 176 -23.55 -27.70 -23.21
N ALA D 177 -24.63 -28.47 -23.36
CA ALA D 177 -24.56 -29.83 -23.88
C ALA D 177 -24.96 -29.91 -25.36
N SER D 178 -24.53 -31.02 -25.99
CA SER D 178 -24.88 -31.33 -27.36
C SER D 178 -25.05 -32.84 -27.54
N SER D 179 -26.22 -33.23 -28.08
CA SER D 179 -26.51 -34.62 -28.45
C SER D 179 -26.55 -34.75 -29.97
N TYR D 180 -25.91 -35.81 -30.49
CA TYR D 180 -25.94 -36.13 -31.91
C TYR D 180 -26.55 -37.53 -32.10
N LEU D 181 -27.70 -37.59 -32.79
CA LEU D 181 -28.29 -38.86 -33.19
C LEU D 181 -27.86 -39.19 -34.62
N SER D 182 -27.13 -40.32 -34.77
CA SER D 182 -26.74 -40.85 -36.07
C SER D 182 -27.82 -41.78 -36.57
N LEU D 183 -28.13 -41.68 -37.87
CA LEU D 183 -29.07 -42.56 -38.53
C LEU D 183 -28.49 -42.96 -39.88
N THR D 184 -29.12 -43.96 -40.52
CA THR D 184 -28.95 -44.18 -41.94
C THR D 184 -29.93 -43.25 -42.67
N PRO D 185 -29.63 -42.80 -43.90
CA PRO D 185 -30.57 -41.99 -44.67
C PRO D 185 -31.95 -42.64 -44.79
N GLU D 186 -31.96 -43.98 -44.80
CA GLU D 186 -33.19 -44.74 -44.93
C GLU D 186 -34.06 -44.54 -43.69
N GLN D 187 -33.44 -44.60 -42.50
CA GLN D 187 -34.15 -44.42 -41.25
C GLN D 187 -34.76 -43.01 -41.18
N TRP D 188 -34.02 -42.02 -41.70
CA TRP D 188 -34.44 -40.63 -41.62
C TRP D 188 -35.76 -40.43 -42.36
N LYS D 189 -35.85 -40.95 -43.59
CA LYS D 189 -37.02 -40.75 -44.44
C LYS D 189 -38.16 -41.69 -44.05
N SER D 190 -37.84 -42.75 -43.30
CA SER D 190 -38.81 -43.76 -42.91
C SER D 190 -39.83 -43.20 -41.93
N HIS D 191 -39.32 -42.72 -40.78
CA HIS D 191 -40.16 -42.19 -39.72
C HIS D 191 -40.57 -40.76 -40.10
N ARG D 192 -41.78 -40.35 -39.67
CA ARG D 192 -42.33 -39.08 -40.12
C ARG D 192 -41.74 -37.91 -39.33
N SER D 193 -41.14 -38.19 -38.16
CA SER D 193 -40.39 -37.17 -37.42
C SER D 193 -39.41 -37.82 -36.45
N TYR D 194 -38.40 -37.03 -36.05
CA TYR D 194 -37.56 -37.33 -34.90
C TYR D 194 -37.59 -36.16 -33.93
N SER D 195 -37.48 -36.44 -32.63
CA SER D 195 -37.56 -35.39 -31.63
C SER D 195 -36.43 -35.50 -30.61
N CYS D 196 -36.16 -34.39 -29.92
CA CYS D 196 -35.12 -34.28 -28.90
C CYS D 196 -35.74 -33.78 -27.60
N GLN D 197 -35.98 -34.68 -26.63
CA GLN D 197 -36.43 -34.23 -25.32
C GLN D 197 -35.21 -33.88 -24.48
N VAL D 198 -35.25 -32.68 -23.91
CA VAL D 198 -34.19 -32.12 -23.08
C VAL D 198 -34.81 -31.78 -21.72
N THR D 199 -34.55 -32.66 -20.75
CA THR D 199 -35.15 -32.57 -19.42
C THR D 199 -34.16 -31.95 -18.45
N HIS D 200 -34.58 -30.85 -17.80
CA HIS D 200 -33.73 -30.09 -16.90
C HIS D 200 -34.56 -29.55 -15.74
N GLU D 201 -34.27 -30.05 -14.53
CA GLU D 201 -34.91 -29.56 -13.32
C GLU D 201 -36.42 -29.70 -13.42
N GLY D 202 -36.88 -30.89 -13.84
CA GLY D 202 -38.29 -31.23 -13.82
C GLY D 202 -39.07 -30.63 -14.98
N SER D 203 -38.50 -29.63 -15.66
CA SER D 203 -39.12 -29.04 -16.84
C SER D 203 -38.48 -29.59 -18.10
N THR D 204 -39.24 -29.61 -19.20
CA THR D 204 -38.82 -30.32 -20.39
C THR D 204 -39.01 -29.45 -21.63
N VAL D 205 -38.17 -29.72 -22.63
CA VAL D 205 -38.26 -29.12 -23.95
C VAL D 205 -38.16 -30.24 -24.98
N GLU D 206 -39.24 -30.44 -25.76
CA GLU D 206 -39.20 -31.33 -26.92
C GLU D 206 -39.23 -30.48 -28.19
N LYS D 207 -38.15 -30.58 -28.99
CA LYS D 207 -38.07 -30.02 -30.32
C LYS D 207 -38.19 -31.18 -31.30
N THR D 208 -38.79 -30.92 -32.47
CA THR D 208 -39.13 -31.95 -33.43
C THR D 208 -38.75 -31.53 -34.84
N VAL D 209 -38.26 -32.48 -35.63
CA VAL D 209 -37.79 -32.23 -36.98
C VAL D 209 -38.29 -33.36 -37.88
N ALA D 210 -38.34 -33.13 -39.20
CA ALA D 210 -38.93 -34.09 -40.13
C ALA D 210 -38.26 -34.01 -41.50
N PRO D 211 -38.20 -35.12 -42.28
CA PRO D 211 -37.60 -35.09 -43.62
C PRO D 211 -38.32 -34.15 -44.58
N THR D 212 -39.62 -33.95 -44.34
CA THR D 212 -40.43 -32.96 -45.06
C THR D 212 -39.80 -31.57 -44.92
N GLU D 213 -39.27 -31.27 -43.72
CA GLU D 213 -38.62 -29.99 -43.44
C GLU D 213 -37.37 -29.82 -44.29
N CYS D 214 -36.82 -30.94 -44.78
CA CYS D 214 -35.64 -30.97 -45.63
C CYS D 214 -34.40 -30.61 -44.78
N ASN E 2 45.82 -7.36 22.21
CA ASN E 2 45.35 -6.61 21.02
C ASN E 2 44.27 -7.43 20.32
N LEU E 3 43.10 -7.53 20.96
CA LEU E 3 42.03 -8.40 20.50
C LEU E 3 41.32 -7.77 19.29
N CYS E 4 40.64 -8.62 18.51
CA CYS E 4 39.95 -8.19 17.31
C CYS E 4 38.71 -7.37 17.68
N PRO E 5 38.25 -6.44 16.81
CA PRO E 5 37.09 -5.60 17.12
C PRO E 5 35.77 -6.29 16.80
N PHE E 6 35.42 -7.29 17.62
CA PHE E 6 34.20 -8.06 17.43
C PHE E 6 33.00 -7.32 18.01
N ASP E 7 33.26 -6.43 18.98
CA ASP E 7 32.19 -5.70 19.65
C ASP E 7 31.60 -4.67 18.68
N GLU E 8 32.45 -4.10 17.82
CA GLU E 8 32.02 -3.15 16.80
C GLU E 8 31.09 -3.82 15.80
N VAL E 9 31.33 -5.10 15.50
CA VAL E 9 30.61 -5.83 14.47
C VAL E 9 29.23 -6.22 14.97
N PHE E 10 29.17 -6.84 16.15
CA PHE E 10 27.94 -7.47 16.64
C PHE E 10 26.99 -6.43 17.22
N ASN E 11 27.48 -5.53 18.07
CA ASN E 11 26.64 -4.58 18.79
C ASN E 11 26.57 -3.24 18.06
N ALA E 12 26.68 -3.26 16.72
CA ALA E 12 26.52 -2.06 15.92
C ALA E 12 25.09 -1.55 16.03
N THR E 13 24.93 -0.23 15.97
CA THR E 13 23.63 0.40 16.13
C THR E 13 22.78 0.13 14.89
N ARG E 14 23.32 0.53 13.72
CA ARG E 14 22.67 0.25 12.45
C ARG E 14 23.44 -0.88 11.75
N PHE E 15 22.70 -1.95 11.39
CA PHE E 15 23.20 -2.96 10.48
C PHE E 15 22.80 -2.58 9.04
N ALA E 16 23.42 -3.25 8.07
CA ALA E 16 23.23 -2.93 6.66
C ALA E 16 22.03 -3.68 6.10
N SER E 17 21.42 -3.12 5.06
CA SER E 17 20.50 -3.86 4.22
C SER E 17 21.26 -5.02 3.56
N VAL E 18 20.58 -6.17 3.44
CA VAL E 18 21.25 -7.41 3.04
C VAL E 18 21.75 -7.29 1.59
N TYR E 19 21.09 -6.45 0.77
CA TYR E 19 21.46 -6.32 -0.63
C TYR E 19 22.82 -5.63 -0.76
N ALA E 20 23.06 -4.64 0.10
CA ALA E 20 24.36 -3.98 0.19
C ALA E 20 25.05 -4.41 1.49
N TRP E 21 25.06 -5.72 1.74
CA TRP E 21 25.60 -6.31 2.96
C TRP E 21 26.98 -5.74 3.27
N ASN E 22 27.21 -5.40 4.54
CA ASN E 22 28.45 -4.76 4.94
C ASN E 22 29.51 -5.84 5.17
N ARG E 23 30.79 -5.42 5.06
CA ARG E 23 31.93 -6.29 5.24
C ARG E 23 33.02 -5.54 5.99
N LYS E 24 33.34 -6.02 7.21
CA LYS E 24 34.36 -5.43 8.05
C LYS E 24 35.57 -6.35 8.11
N ARG E 25 36.70 -5.89 7.56
CA ARG E 25 37.95 -6.66 7.60
C ARG E 25 38.45 -6.69 9.04
N ILE E 26 38.92 -7.87 9.48
CA ILE E 26 39.56 -8.04 10.77
C ILE E 26 40.96 -8.60 10.52
N SER E 27 41.98 -7.81 10.85
CA SER E 27 43.37 -8.19 10.63
C SER E 27 44.24 -7.62 11.76
N ASN E 28 45.32 -8.35 12.07
CA ASN E 28 46.38 -7.87 12.96
C ASN E 28 45.82 -7.70 14.37
N CYS E 29 45.27 -8.79 14.92
CA CYS E 29 44.65 -8.78 16.23
C CYS E 29 44.35 -10.21 16.69
N VAL E 30 44.31 -10.41 18.02
CA VAL E 30 44.09 -11.73 18.59
C VAL E 30 42.59 -11.98 18.74
N ALA E 31 42.06 -12.86 17.88
CA ALA E 31 40.63 -13.14 17.85
C ALA E 31 40.28 -14.20 18.89
N ASP E 32 40.23 -13.77 20.17
CA ASP E 32 39.80 -14.64 21.24
C ASP E 32 38.26 -14.69 21.23
N TYR E 33 37.71 -15.86 20.88
CA TYR E 33 36.28 -16.03 20.74
C TYR E 33 35.68 -16.34 22.11
N SER E 34 34.94 -15.36 22.66
CA SER E 34 34.29 -15.50 23.96
C SER E 34 32.78 -15.55 23.78
N VAL E 35 32.33 -16.17 22.68
CA VAL E 35 30.91 -16.21 22.34
C VAL E 35 30.17 -16.99 23.41
N LEU E 36 30.85 -17.93 24.08
CA LEU E 36 30.27 -18.70 25.17
C LEU E 36 29.82 -17.79 26.32
N TYR E 37 30.40 -16.58 26.43
CA TYR E 37 30.06 -15.66 27.50
C TYR E 37 30.23 -14.21 27.07
N ASN E 38 29.83 -13.89 25.83
CA ASN E 38 29.91 -12.53 25.31
C ASN E 38 28.64 -11.75 25.65
N PHE E 39 27.85 -12.27 26.61
CA PHE E 39 26.72 -11.55 27.19
C PHE E 39 25.67 -11.29 26.12
N ALA E 40 25.25 -12.36 25.44
CA ALA E 40 24.22 -12.27 24.40
C ALA E 40 23.71 -13.67 24.05
N PRO E 41 22.43 -14.01 24.35
CA PRO E 41 21.87 -15.31 24.00
C PRO E 41 21.35 -15.37 22.56
N PHE E 42 22.30 -15.58 21.62
CA PHE E 42 21.97 -15.58 20.20
C PHE E 42 20.97 -16.68 19.89
N PHE E 43 20.05 -16.41 18.95
CA PHE E 43 19.03 -17.36 18.53
C PHE E 43 19.68 -18.74 18.35
N ALA E 44 20.74 -18.79 17.55
CA ALA E 44 21.44 -20.04 17.25
C ALA E 44 22.86 -19.75 16.78
N PHE E 45 23.59 -20.81 16.44
CA PHE E 45 24.96 -20.71 15.97
C PHE E 45 25.35 -22.03 15.30
N LYS E 46 26.05 -21.94 14.16
CA LYS E 46 26.56 -23.14 13.50
C LYS E 46 27.79 -22.80 12.65
N CYS E 47 28.89 -23.50 12.93
CA CYS E 47 30.13 -23.36 12.18
C CYS E 47 30.19 -24.42 11.08
N TYR E 48 30.18 -23.96 9.83
CA TYR E 48 30.24 -24.84 8.68
C TYR E 48 31.71 -25.08 8.30
N GLY E 49 32.09 -26.34 8.16
CA GLY E 49 33.46 -26.71 7.82
C GLY E 49 34.41 -26.53 9.01
N VAL E 50 34.61 -25.28 9.43
CA VAL E 50 35.41 -24.96 10.61
C VAL E 50 34.60 -25.35 11.84
N SER E 51 35.29 -25.42 12.99
CA SER E 51 34.67 -25.80 14.26
C SER E 51 34.93 -24.74 15.33
N PRO E 52 33.99 -24.54 16.28
CA PRO E 52 34.16 -23.54 17.34
C PRO E 52 34.83 -24.05 18.62
N THR E 53 35.29 -25.30 18.61
CA THR E 53 35.82 -25.94 19.81
C THR E 53 37.28 -25.54 20.02
N LYS E 54 37.48 -24.25 20.37
CA LYS E 54 38.75 -23.70 20.79
C LYS E 54 39.75 -23.69 19.62
N LEU E 55 39.24 -23.72 18.38
CA LEU E 55 40.08 -23.72 17.20
C LEU E 55 40.80 -22.37 17.03
N ASN E 56 40.51 -21.42 17.92
CA ASN E 56 41.19 -20.13 17.99
C ASN E 56 42.70 -20.30 17.81
N ASP E 57 43.27 -21.39 18.37
CA ASP E 57 44.69 -21.66 18.29
C ASP E 57 45.23 -21.43 16.87
N LEU E 58 44.41 -21.70 15.85
CA LEU E 58 44.84 -21.57 14.46
C LEU E 58 45.03 -20.09 14.10
N CYS E 59 45.93 -19.85 13.14
CA CYS E 59 46.28 -18.51 12.70
C CYS E 59 45.80 -18.30 11.27
N PHE E 60 44.96 -17.28 11.06
CA PHE E 60 44.35 -17.02 9.77
C PHE E 60 44.94 -15.73 9.19
N THR E 61 44.93 -15.63 7.85
CA THR E 61 45.50 -14.48 7.16
C THR E 61 44.60 -13.26 7.29
N ASN E 62 43.31 -13.44 6.97
CA ASN E 62 42.32 -12.39 7.13
C ASN E 62 41.00 -13.03 7.57
N VAL E 63 40.13 -12.19 8.16
CA VAL E 63 38.79 -12.60 8.54
C VAL E 63 37.82 -11.51 8.10
N TYR E 64 37.00 -11.82 7.08
CA TYR E 64 36.00 -10.89 6.58
C TYR E 64 34.68 -11.15 7.28
N ALA E 65 34.27 -10.20 8.13
CA ALA E 65 33.01 -10.29 8.85
C ALA E 65 31.91 -9.54 8.08
N ASP E 66 30.91 -10.28 7.62
CA ASP E 66 29.84 -9.71 6.81
C ASP E 66 28.58 -9.63 7.66
N SER E 67 27.85 -8.51 7.53
CA SER E 67 26.72 -8.23 8.38
C SER E 67 25.51 -7.77 7.56
N PHE E 68 24.31 -8.12 8.04
CA PHE E 68 23.06 -7.72 7.41
C PHE E 68 21.88 -8.19 8.25
N VAL E 69 20.66 -7.82 7.82
CA VAL E 69 19.43 -8.22 8.49
C VAL E 69 18.44 -8.73 7.45
N ILE E 70 17.81 -9.87 7.77
CA ILE E 70 16.82 -10.51 6.92
C ILE E 70 15.71 -11.06 7.82
N ARG E 71 14.69 -11.69 7.23
CA ARG E 71 13.57 -12.19 8.02
C ARG E 71 13.89 -13.59 8.53
N GLY E 72 13.46 -13.87 9.76
CA GLY E 72 13.61 -15.16 10.41
C GLY E 72 13.44 -16.31 9.42
N ASN E 73 12.31 -16.29 8.71
CA ASN E 73 12.00 -17.24 7.66
C ASN E 73 13.23 -17.55 6.80
N GLU E 74 14.01 -16.50 6.48
CA GLU E 74 15.08 -16.61 5.50
C GLU E 74 16.44 -16.69 6.18
N VAL E 75 16.47 -16.93 7.50
CA VAL E 75 17.73 -17.06 8.23
C VAL E 75 18.51 -18.26 7.69
N SER E 76 17.79 -19.33 7.30
CA SER E 76 18.40 -20.54 6.78
C SER E 76 19.09 -20.28 5.44
N GLN E 77 18.53 -19.38 4.62
CA GLN E 77 19.04 -19.09 3.29
C GLN E 77 20.55 -18.79 3.31
N ILE E 78 21.05 -18.28 4.43
CA ILE E 78 22.48 -18.00 4.58
C ILE E 78 23.19 -19.30 4.97
N ALA E 79 23.38 -20.17 3.98
CA ALA E 79 24.09 -21.43 4.15
C ALA E 79 24.57 -21.95 2.79
N PRO E 80 25.68 -22.73 2.74
CA PRO E 80 26.16 -23.31 1.48
C PRO E 80 25.13 -24.24 0.86
N GLY E 81 24.78 -23.97 -0.41
CA GLY E 81 23.81 -24.78 -1.13
C GLY E 81 22.36 -24.41 -0.81
N GLN E 82 22.15 -23.52 0.16
CA GLN E 82 20.82 -23.14 0.59
C GLN E 82 20.31 -22.05 -0.35
N THR E 83 19.73 -22.49 -1.48
CA THR E 83 19.21 -21.58 -2.51
C THR E 83 17.98 -20.82 -2.00
N GLY E 84 17.67 -19.70 -2.66
CA GLY E 84 16.53 -18.86 -2.31
C GLY E 84 16.74 -17.40 -2.73
N ASN E 85 15.77 -16.52 -2.43
CA ASN E 85 15.88 -15.10 -2.70
C ASN E 85 17.25 -14.58 -2.28
N ILE E 86 17.46 -14.60 -0.96
CA ILE E 86 18.60 -13.98 -0.31
C ILE E 86 19.87 -14.61 -0.88
N ALA E 87 19.94 -15.93 -0.85
CA ALA E 87 21.05 -16.67 -1.43
C ALA E 87 21.30 -16.24 -2.87
N ASP E 88 20.23 -16.13 -3.67
CA ASP E 88 20.37 -15.96 -5.11
C ASP E 88 20.53 -14.47 -5.48
N TYR E 89 20.09 -13.56 -4.61
CA TYR E 89 20.04 -12.15 -4.96
C TYR E 89 20.61 -11.24 -3.87
N ASN E 90 20.72 -11.75 -2.63
CA ASN E 90 21.17 -10.97 -1.50
C ASN E 90 22.26 -11.73 -0.74
N TYR E 91 23.43 -11.90 -1.38
CA TYR E 91 24.58 -12.50 -0.71
C TYR E 91 24.45 -14.02 -0.67
N LYS E 92 25.59 -14.70 -0.83
CA LYS E 92 25.63 -16.15 -0.94
C LYS E 92 26.97 -16.67 -0.41
N LEU E 93 26.95 -17.90 0.11
CA LEU E 93 28.14 -18.55 0.62
C LEU E 93 28.65 -19.58 -0.40
N PRO E 94 29.90 -20.06 -0.27
CA PRO E 94 30.41 -21.14 -1.13
C PRO E 94 29.99 -22.51 -0.62
N ASP E 95 29.78 -23.46 -1.53
CA ASP E 95 29.44 -24.81 -1.14
C ASP E 95 30.48 -25.34 -0.15
N ASP E 96 31.76 -25.06 -0.43
CA ASP E 96 32.84 -25.41 0.48
C ASP E 96 33.05 -24.28 1.49
N PHE E 97 32.00 -23.98 2.26
CA PHE E 97 32.07 -22.94 3.27
C PHE E 97 32.66 -23.53 4.55
N THR E 98 33.92 -23.19 4.81
CA THR E 98 34.63 -23.62 6.01
C THR E 98 34.63 -22.47 7.01
N GLY E 99 33.42 -22.05 7.41
CA GLY E 99 33.24 -20.89 8.28
C GLY E 99 31.97 -20.99 9.12
N CYS E 100 31.90 -20.15 10.17
CA CYS E 100 30.74 -20.10 11.05
C CYS E 100 29.77 -19.01 10.59
N VAL E 101 28.52 -19.13 11.05
CA VAL E 101 27.49 -18.13 10.82
C VAL E 101 26.63 -18.02 12.08
N ILE E 102 26.29 -16.77 12.45
CA ILE E 102 25.52 -16.48 13.65
C ILE E 102 24.46 -15.43 13.30
N ALA E 103 23.30 -15.51 13.97
CA ALA E 103 22.22 -14.56 13.78
C ALA E 103 21.24 -14.66 14.95
N TRP E 104 20.42 -13.62 15.12
CA TRP E 104 19.54 -13.53 16.27
C TRP E 104 18.34 -12.63 15.95
N ASN E 105 17.34 -12.67 16.83
CA ASN E 105 16.14 -11.86 16.69
C ASN E 105 16.50 -10.40 16.98
N SER E 106 15.93 -9.49 16.18
CA SER E 106 16.21 -8.07 16.27
C SER E 106 14.91 -7.27 16.36
N ASN E 107 13.78 -7.94 16.61
CA ASN E 107 12.48 -7.28 16.66
C ASN E 107 12.55 -6.06 17.58
N LYS E 108 13.38 -6.15 18.63
CA LYS E 108 13.52 -5.05 19.59
C LYS E 108 14.75 -4.20 19.25
N LEU E 109 15.23 -4.30 18.00
CA LEU E 109 16.31 -3.47 17.50
C LEU E 109 15.96 -2.87 16.14
N ASP E 110 15.19 -3.58 15.32
CA ASP E 110 14.98 -3.20 13.93
C ASP E 110 13.50 -3.05 13.59
N SER E 111 12.59 -3.56 14.43
CA SER E 111 11.17 -3.37 14.19
C SER E 111 10.77 -1.94 14.55
N LYS E 112 10.15 -1.26 13.60
CA LYS E 112 9.74 0.13 13.77
C LYS E 112 8.21 0.20 13.72
N VAL E 113 7.63 1.13 14.49
CA VAL E 113 6.18 1.17 14.66
C VAL E 113 5.51 1.33 13.30
N GLY E 114 5.99 2.28 12.48
CA GLY E 114 5.40 2.52 11.17
C GLY E 114 5.85 1.51 10.12
N GLY E 115 6.47 0.41 10.56
CA GLY E 115 7.18 -0.48 9.65
C GLY E 115 8.62 0.02 9.43
N ASN E 116 9.54 -0.92 9.28
CA ASN E 116 10.94 -0.62 9.01
C ASN E 116 11.22 -0.76 7.53
N TYR E 117 11.59 0.35 6.88
CA TYR E 117 11.84 0.32 5.45
C TYR E 117 13.30 0.61 5.13
N ASN E 118 14.15 0.73 6.16
CA ASN E 118 15.57 0.99 5.96
C ASN E 118 16.23 -0.24 5.32
N TYR E 119 15.78 -1.43 5.73
CA TYR E 119 16.33 -2.69 5.23
C TYR E 119 15.64 -3.08 3.93
N LEU E 120 16.45 -3.32 2.90
CA LEU E 120 15.97 -3.62 1.55
C LEU E 120 16.54 -4.96 1.07
N TYR E 121 15.68 -5.76 0.44
CA TYR E 121 16.09 -7.03 -0.15
C TYR E 121 16.07 -6.90 -1.66
N ARG E 122 17.22 -7.13 -2.30
CA ARG E 122 17.28 -7.25 -3.75
C ARG E 122 16.34 -8.36 -4.19
N LEU E 123 15.23 -7.95 -4.80
CA LEU E 123 14.19 -8.86 -5.23
C LEU E 123 14.70 -9.73 -6.38
N PHE E 124 14.84 -9.13 -7.57
CA PHE E 124 15.14 -9.88 -8.79
C PHE E 124 16.58 -9.57 -9.24
N ARG E 125 17.13 -10.48 -10.05
CA ARG E 125 18.45 -10.30 -10.67
C ARG E 125 18.59 -11.28 -11.82
N LYS E 126 19.38 -10.90 -12.84
CA LYS E 126 19.48 -11.64 -14.08
C LYS E 126 20.11 -13.01 -13.81
N SER E 127 21.30 -12.99 -13.20
CA SER E 127 22.03 -14.20 -12.85
C SER E 127 22.08 -14.35 -11.32
N ASN E 128 22.36 -15.57 -10.85
CA ASN E 128 22.62 -15.80 -9.44
C ASN E 128 23.96 -15.17 -9.08
N LEU E 129 24.10 -14.76 -7.82
CA LEU E 129 25.30 -14.08 -7.36
C LEU E 129 26.41 -15.10 -7.12
N LYS E 130 27.64 -14.72 -7.51
CA LYS E 130 28.81 -15.50 -7.18
C LYS E 130 29.01 -15.47 -5.67
N PRO E 131 29.56 -16.53 -5.05
CA PRO E 131 29.81 -16.53 -3.61
C PRO E 131 30.49 -15.24 -3.15
N PHE E 132 29.97 -14.67 -2.06
CA PHE E 132 30.51 -13.47 -1.43
C PHE E 132 30.53 -12.28 -2.39
N GLU E 133 29.80 -12.38 -3.51
CA GLU E 133 29.62 -11.23 -4.39
C GLU E 133 28.53 -10.34 -3.79
N ARG E 134 28.42 -9.11 -4.27
CA ARG E 134 27.38 -8.19 -3.85
C ARG E 134 26.95 -7.34 -5.05
N ASP E 135 25.67 -6.91 -5.05
CA ASP E 135 25.17 -5.98 -6.04
C ASP E 135 24.32 -4.91 -5.36
N ILE E 136 24.62 -3.66 -5.71
CA ILE E 136 23.91 -2.49 -5.21
C ILE E 136 23.22 -1.79 -6.38
N SER E 137 23.04 -2.52 -7.49
CA SER E 137 22.37 -1.99 -8.67
C SER E 137 20.98 -1.51 -8.30
N THR E 138 20.63 -0.29 -8.72
CA THR E 138 19.34 0.29 -8.38
C THR E 138 18.69 0.85 -9.65
N GLU E 139 18.86 0.15 -10.77
CA GLU E 139 18.35 0.62 -12.05
C GLU E 139 17.03 -0.09 -12.36
N ILE E 140 16.13 0.64 -13.03
CA ILE E 140 14.86 0.08 -13.46
C ILE E 140 15.13 -0.92 -14.58
N TYR E 141 14.37 -2.03 -14.56
CA TYR E 141 14.49 -3.08 -15.57
C TYR E 141 13.37 -2.90 -16.60
N GLN E 142 13.75 -2.75 -17.87
CA GLN E 142 12.76 -2.50 -18.92
C GLN E 142 12.21 -3.83 -19.41
N ALA E 143 11.47 -4.52 -18.52
CA ALA E 143 10.78 -5.74 -18.88
C ALA E 143 9.87 -5.47 -20.08
N GLY E 144 9.20 -4.31 -20.03
CA GLY E 144 8.27 -3.91 -21.07
C GLY E 144 8.98 -3.67 -22.40
N ASN E 145 8.26 -3.92 -23.50
CA ASN E 145 8.73 -3.58 -24.83
C ASN E 145 8.77 -2.06 -24.99
N LYS E 146 8.09 -1.35 -24.08
CA LYS E 146 8.17 0.11 -23.98
C LYS E 146 9.23 0.49 -22.95
N PRO E 147 9.97 1.61 -23.15
CA PRO E 147 10.93 2.09 -22.16
C PRO E 147 10.34 2.49 -20.80
N CYS E 148 11.24 2.74 -19.85
CA CYS E 148 10.87 3.12 -18.50
C CYS E 148 11.15 4.60 -18.26
N ASN E 149 12.11 5.16 -19.02
CA ASN E 149 12.53 6.53 -18.87
C ASN E 149 12.95 6.77 -17.41
N GLY E 150 13.60 5.76 -16.82
CA GLY E 150 14.08 5.83 -15.44
C GLY E 150 12.96 5.96 -14.41
N VAL E 151 11.79 5.38 -14.69
CA VAL E 151 10.68 5.36 -13.75
C VAL E 151 10.20 3.91 -13.59
N ALA E 152 9.55 3.63 -12.46
CA ALA E 152 8.96 2.31 -12.23
C ALA E 152 7.47 2.36 -12.53
N GLY E 153 6.97 1.28 -13.16
CA GLY E 153 5.54 1.16 -13.44
C GLY E 153 5.21 -0.14 -14.14
N PHE E 154 4.30 -0.06 -15.13
CA PHE E 154 3.86 -1.20 -15.91
C PHE E 154 5.05 -1.82 -16.62
N ASN E 155 5.36 -3.09 -16.30
CA ASN E 155 6.44 -3.82 -16.91
C ASN E 155 7.75 -3.05 -16.80
N CYS E 156 7.81 -2.11 -15.84
CA CYS E 156 8.99 -1.32 -15.57
C CYS E 156 9.21 -1.34 -14.05
N TYR E 157 10.22 -2.11 -13.62
CA TYR E 157 10.33 -2.49 -12.21
C TYR E 157 11.63 -1.96 -11.62
N PHE E 158 11.56 -1.57 -10.33
CA PHE E 158 12.74 -1.24 -9.55
C PHE E 158 13.31 -2.53 -8.97
N PRO E 159 14.65 -2.63 -8.74
CA PRO E 159 15.24 -3.90 -8.33
C PRO E 159 15.35 -4.14 -6.82
N LEU E 160 14.58 -3.38 -6.01
CA LEU E 160 14.66 -3.51 -4.57
C LEU E 160 13.27 -3.50 -3.94
N ARG E 161 13.21 -3.85 -2.66
CA ARG E 161 11.97 -3.89 -1.90
C ARG E 161 12.29 -3.81 -0.42
N SER E 162 11.26 -3.51 0.39
CA SER E 162 11.42 -3.26 1.83
C SER E 162 10.75 -4.34 2.66
N TYR E 163 11.38 -4.67 3.80
CA TYR E 163 10.90 -5.69 4.72
C TYR E 163 9.78 -5.16 5.63
N GLY E 164 9.62 -3.84 5.70
CA GLY E 164 8.52 -3.23 6.44
C GLY E 164 8.26 -3.89 7.80
N PHE E 165 9.32 -4.02 8.61
CA PHE E 165 9.26 -4.74 9.87
C PHE E 165 8.36 -4.04 10.88
N ARG E 166 7.43 -4.81 11.45
CA ARG E 166 6.52 -4.32 12.48
C ARG E 166 6.46 -5.32 13.63
N PRO E 167 6.54 -4.88 14.91
CA PRO E 167 6.55 -5.81 16.04
C PRO E 167 5.34 -6.75 16.05
N THR E 168 4.19 -6.24 15.60
CA THR E 168 2.98 -7.05 15.48
C THR E 168 3.29 -8.37 14.77
N TYR E 169 4.21 -8.32 13.79
CA TYR E 169 4.57 -9.49 13.01
C TYR E 169 5.11 -10.60 13.91
N GLY E 170 5.05 -11.84 13.41
CA GLY E 170 5.50 -13.01 14.14
C GLY E 170 6.97 -13.33 13.86
N VAL E 171 7.45 -14.40 14.49
CA VAL E 171 8.84 -14.81 14.40
C VAL E 171 9.27 -14.81 12.93
N GLY E 172 8.43 -15.40 12.08
CA GLY E 172 8.73 -15.58 10.67
C GLY E 172 9.19 -14.29 9.98
N HIS E 173 8.46 -13.19 10.24
CA HIS E 173 8.69 -11.94 9.54
C HIS E 173 9.28 -10.89 10.49
N GLN E 174 9.76 -11.33 11.65
CA GLN E 174 10.48 -10.47 12.58
C GLN E 174 11.90 -10.24 12.05
N PRO E 175 12.50 -9.05 12.24
CA PRO E 175 13.87 -8.79 11.78
C PRO E 175 14.86 -9.67 12.54
N TYR E 176 15.80 -10.26 11.78
CA TYR E 176 16.86 -11.08 12.33
C TYR E 176 18.19 -10.64 11.74
N ARG E 177 19.08 -10.11 12.60
CA ARG E 177 20.39 -9.65 12.18
C ARG E 177 21.33 -10.84 12.05
N VAL E 178 22.32 -10.72 11.16
CA VAL E 178 23.21 -11.82 10.83
C VAL E 178 24.65 -11.30 10.76
N VAL E 179 25.59 -12.13 11.24
CA VAL E 179 27.01 -11.87 11.16
C VAL E 179 27.70 -13.15 10.65
N VAL E 180 28.58 -13.01 9.66
CA VAL E 180 29.26 -14.14 9.05
C VAL E 180 30.76 -14.06 9.36
N LEU E 181 31.41 -15.23 9.47
CA LEU E 181 32.81 -15.32 9.82
C LEU E 181 33.57 -16.08 8.73
N SER E 182 34.17 -15.32 7.80
CA SER E 182 35.03 -15.86 6.76
C SER E 182 36.47 -15.91 7.26
N PHE E 183 37.14 -17.05 7.07
CA PHE E 183 38.50 -17.26 7.55
C PHE E 183 39.47 -17.39 6.38
N GLU E 184 40.20 -16.31 6.09
CA GLU E 184 41.10 -16.27 4.94
C GLU E 184 42.48 -16.76 5.35
N LEU E 185 43.12 -17.52 4.44
CA LEU E 185 44.47 -18.04 4.65
C LEU E 185 45.24 -17.96 3.34
N LEU E 186 45.89 -16.81 3.08
CA LEU E 186 46.66 -16.63 1.85
C LEU E 186 48.14 -16.95 2.13
N HIS E 187 49.01 -16.56 1.18
CA HIS E 187 50.45 -16.76 1.32
C HIS E 187 51.01 -15.76 2.32
N ALA E 188 50.30 -14.64 2.52
CA ALA E 188 50.70 -13.65 3.51
C ALA E 188 50.64 -14.28 4.90
N PRO E 189 51.58 -13.95 5.81
CA PRO E 189 51.60 -14.56 7.15
C PRO E 189 50.28 -14.31 7.88
N ALA E 190 49.78 -15.32 8.59
CA ALA E 190 48.53 -15.21 9.32
C ALA E 190 48.64 -14.07 10.33
N THR E 191 47.58 -13.26 10.45
CA THR E 191 47.63 -12.06 11.28
C THR E 191 46.70 -12.18 12.48
N VAL E 192 45.98 -13.30 12.63
CA VAL E 192 44.98 -13.43 13.69
C VAL E 192 44.97 -14.87 14.19
N CYS E 193 45.18 -15.04 15.51
CA CYS E 193 45.13 -16.35 16.14
C CYS E 193 44.35 -16.29 17.45
N GLY E 194 44.74 -15.36 18.33
CA GLY E 194 44.15 -15.24 19.65
C GLY E 194 44.02 -16.58 20.37
N PRO E 195 45.13 -17.34 20.51
CA PRO E 195 45.07 -18.70 21.03
C PRO E 195 44.56 -18.74 22.49
#